data_7ZKI
#
_entry.id   7ZKI
#
_cell.length_a   1.00
_cell.length_b   1.00
_cell.length_c   1.00
_cell.angle_alpha   90.00
_cell.angle_beta   90.00
_cell.angle_gamma   90.00
#
_symmetry.space_group_name_H-M   'P 1'
#
loop_
_entity.id
_entity.type
_entity.pdbx_description
1 polymer Met-tRNAiMet
2 polymer 'Translation initiation factor 1A'
3 polymer 'Translation initiation factor 5B'
4 non-polymer METHIONINE
5 non-polymer 'PHOSPHOAMINOPHOSPHONIC ACID-GUANYLATE ESTER'
6 non-polymer 'MAGNESIUM ION'
#
loop_
_entity_poly.entity_id
_entity_poly.type
_entity_poly.pdbx_seq_one_letter_code
_entity_poly.pdbx_strand_id
1 'polyribonucleotide'
;AGCGGGG(4SU)GGAGCAGCCUGG(H2U)AGCUCGUCGGG(OMC)UCAUAACCCGAAGAUCGUCGG(5MU)(PSU)CAAA
UCCGGCCCCCGCUACCA
;
4
2 'polypeptide(L)'
;MGSSSHHHHHHSSGLVPRGSHMPKKERKVEGDEVIRVPLPEGNQLFGVVEQALGAGWMDVRCEDGKIRRCRIPGKLRRRV
WIRVGDLVIVQPWPVQSDKRGDIVYRYTQTQVDWLLRKGKITQEFLTGGSLLVE
;
6
3 'polypeptide(L)'
;MGSSHHHHHHSSGLVPRGSHMMTKRIRQPIIAVLGHVDHGKTTLLDRIRKTNVAAKEAGGITQHIGATEVPIEVVKKIAG
PLIKLWKAEIKLPGLLFIDTPGHEAFTSLRARGGSLADLAVLVVDINEGFQPQTIESIEILRKYRTPFVVAANKIDRIKG
WVIEEDEPFLMNIKKQDQRAVQELETKLWELIGKFYEFGFQANRFDRVQNFTRELAIVPISAKYGIGIAELLVLIAGLSQ
RYLEEKLKIEVEGPARGTILEVREEPGLGHTIDVIIYDGTLHKDDTIVVGGKDKAIVTKIRALLKPKPLDEIRDPRFRFD
YVDEVTAAAGVKIAAPGLEEALAGSPVIAAPTPEDVEKAKQEILEQIERVVISTDKVGVIVKADTLGSLEALSKELQEKE
IPIRKADVGNVSKTDVMEALSVKEEEPKYGVILGFNVKVNEDAEEVAKAKDVKIFVGNVIYKLIEDYEEWVKEEEEKKKR
ELLSKVTFPGVIRLYPDERYVFRRSNPAIVGIEVIEGRIKPGVTLIKQNGQKVGVIRSIKSRDEFLQEAKKGQAVAIAIE
GAIVGRHIHPGETLYVDLSRDDAITLLKHLRDTLEDTDIKALKMIAKVKAKEDPFWRAI
;
7
#
loop_
_chem_comp.id
_chem_comp.type
_chem_comp.name
_chem_comp.formula
4SU RNA linking 4-THIOURIDINE-5'-MONOPHOSPHATE 'C9 H13 N2 O8 P S'
5MU RNA linking '5-METHYLURIDINE 5'-MONOPHOSPHATE' 'C10 H15 N2 O9 P'
A RNA linking ADENOSINE-5'-MONOPHOSPHATE 'C10 H14 N5 O7 P'
C RNA linking CYTIDINE-5'-MONOPHOSPHATE 'C9 H14 N3 O8 P'
G RNA linking GUANOSINE-5'-MONOPHOSPHATE 'C10 H14 N5 O8 P'
GNP non-polymer 'PHOSPHOAMINOPHOSPHONIC ACID-GUANYLATE ESTER' 'C10 H17 N6 O13 P3'
H2U RNA linking 5,6-DIHYDROURIDINE-5'-MONOPHOSPHATE 'C9 H15 N2 O9 P'
MG non-polymer 'MAGNESIUM ION' 'Mg 2'
OMC RNA linking O2'-METHYLYCYTIDINE-5'-MONOPHOSPHATE 'C10 H16 N3 O8 P'
PSU RNA linking PSEUDOURIDINE-5'-MONOPHOSPHATE 'C9 H13 N2 O9 P'
U RNA linking URIDINE-5'-MONOPHOSPHATE 'C9 H13 N2 O9 P'
#
# COMPACT_ATOMS: atom_id res chain seq x y z
N1 4SU A 8 -0.30 -81.65 4.82
C2 4SU A 8 -0.87 -82.57 3.92
N3 4SU A 8 -2.19 -82.70 3.82
C4 4SU A 8 -3.01 -81.96 4.58
C5 4SU A 8 -2.48 -81.05 5.49
C6 4SU A 8 -1.11 -80.91 5.60
O2 4SU A 8 -0.14 -83.26 3.18
S4 4SU A 8 -4.59 -82.14 4.45
C1' 4SU A 8 1.16 -81.50 4.94
C2' 4SU A 8 1.78 -80.87 3.69
O2' 4SU A 8 3.05 -81.45 3.47
C3' 4SU A 8 1.94 -79.41 4.13
C4' 4SU A 8 2.27 -79.55 5.60
O3' 4SU A 8 2.93 -78.71 3.40
O4' 4SU A 8 1.45 -80.66 6.03
C5' 4SU A 8 1.97 -78.34 6.46
O5' 4SU A 8 0.58 -78.12 6.60
P 4SU A 8 0.02 -76.69 7.02
OP1 4SU A 8 0.96 -75.64 6.47
OP2 4SU A 8 -1.45 -76.64 6.64
P H2U A 21 5.63 -98.16 1.95
OP1 H2U A 21 5.88 -98.82 0.62
OP2 H2U A 21 6.78 -97.50 2.66
O5' H2U A 21 4.47 -97.09 1.77
C5' H2U A 21 4.73 -95.85 1.12
C4' H2U A 21 4.47 -95.94 -0.35
O4' H2U A 21 3.13 -96.41 -0.58
C3' H2U A 21 4.52 -94.62 -1.11
O3' H2U A 21 5.84 -94.20 -1.43
C1' H2U A 21 2.65 -95.92 -1.82
C2' H2U A 21 3.66 -94.89 -2.35
O2' H2U A 21 4.42 -95.50 -3.37
N1 H2U A 21 1.30 -95.33 -1.62
C2 H2U A 21 1.04 -94.36 -0.73
O2 H2U A 21 1.74 -94.16 0.25
N3 H2U A 21 -0.04 -93.62 -0.97
C4 H2U A 21 -1.13 -94.20 -1.46
O4 H2U A 21 -2.18 -93.60 -1.59
C5 H2U A 21 -1.03 -95.65 -1.83
C6 H2U A 21 0.33 -95.93 -2.50
N1 OMC A 33 -4.70 -76.36 -31.03
C2 OMC A 33 -5.28 -75.36 -30.21
N3 OMC A 33 -4.49 -74.43 -29.62
C4 OMC A 33 -3.16 -74.44 -29.80
C5 OMC A 33 -2.59 -75.41 -30.60
C6 OMC A 33 -3.38 -76.38 -31.21
O2 OMC A 33 -6.51 -75.31 -30.00
N4 OMC A 33 -2.38 -73.51 -29.21
C1' OMC A 33 -5.51 -77.42 -31.68
C2' OMC A 33 -6.16 -76.97 -33.00
O2' OMC A 33 -7.43 -77.61 -33.09
CM2 OMC A 33 -8.48 -76.68 -33.28
C3' OMC A 33 -5.19 -77.53 -34.03
C4' OMC A 33 -4.73 -78.82 -33.38
O4' OMC A 33 -4.66 -78.51 -31.97
O3' OMC A 33 -5.78 -77.73 -35.30
C5' OMC A 33 -3.39 -79.34 -33.85
O5' OMC A 33 -2.39 -78.33 -33.74
P OMC A 33 -0.84 -78.71 -33.83
OP1 OMC A 33 -0.65 -79.50 -35.11
OP2 OMC A 33 -0.06 -77.44 -33.63
N1 5MU A 55 8.99 -95.52 19.69
C2 5MU A 55 8.41 -95.76 18.42
N3 5MU A 55 8.91 -95.21 17.31
C4 5MU A 55 9.97 -94.40 17.36
C5 5MU A 55 10.60 -94.12 18.67
C5M 5MU A 55 11.80 -93.22 18.77
C6 5MU A 55 10.06 -94.70 19.81
O2 5MU A 55 7.41 -96.51 18.32
O4 5MU A 55 10.43 -93.89 16.31
C1' 5MU A 55 8.43 -96.12 20.92
C2' 5MU A 55 8.58 -97.65 20.94
O2' 5MU A 55 7.45 -98.21 21.59
C3' 5MU A 55 9.84 -97.82 21.79
C4' 5MU A 55 9.70 -96.69 22.80
O3' 5MU A 55 9.95 -99.10 22.39
O4' 5MU A 55 9.12 -95.61 22.04
C5' 5MU A 55 10.99 -96.23 23.45
O5' 5MU A 55 11.95 -95.83 22.48
P 5MU A 55 13.36 -95.24 22.92
OP1 5MU A 55 14.01 -96.24 23.86
OP2 5MU A 55 14.09 -94.80 21.68
N1 PSU A 56 11.55 -97.40 17.60
C2 PSU A 56 11.82 -96.98 16.35
N3 PSU A 56 11.11 -97.39 15.29
C4 PSU A 56 10.09 -98.23 15.44
C5 PSU A 56 9.77 -98.73 16.81
C6 PSU A 56 10.54 -98.25 17.85
O2 PSU A 56 12.77 -96.18 16.18
O4 PSU A 56 9.43 -98.62 14.45
C1' PSU A 56 8.65 -99.67 17.05
C2' PSU A 56 9.03 -101.05 16.52
O2' PSU A 56 7.85 -101.69 16.04
C3' PSU A 56 9.53 -101.73 17.78
C4' PSU A 56 8.60 -101.17 18.84
O3' PSU A 56 9.50 -103.15 17.72
O4' PSU A 56 8.41 -99.79 18.44
C5' PSU A 56 9.12 -101.21 20.27
O5' PSU A 56 10.38 -100.55 20.38
P PSU A 56 10.97 -100.18 21.80
OP1 PSU A 56 10.91 -101.41 22.68
OP2 PSU A 56 12.31 -99.49 21.59
N VAL B 37 15.79 -40.36 -23.06
CA VAL B 37 16.99 -39.53 -22.95
C VAL B 37 16.68 -38.09 -22.50
N PRO B 38 15.68 -37.43 -23.10
CA PRO B 38 15.34 -36.08 -22.62
C PRO B 38 14.89 -36.11 -21.16
N LEU B 39 15.24 -35.05 -20.44
CA LEU B 39 14.95 -34.91 -19.03
C LEU B 39 13.84 -33.89 -18.78
N PRO B 40 13.14 -33.99 -17.65
CA PRO B 40 12.14 -32.96 -17.33
C PRO B 40 12.77 -31.59 -17.23
N GLU B 41 12.03 -30.58 -17.69
CA GLU B 41 12.51 -29.20 -17.73
C GLU B 41 11.38 -28.29 -17.25
N GLY B 42 11.48 -27.83 -16.01
CA GLY B 42 10.48 -26.95 -15.44
C GLY B 42 9.74 -27.58 -14.28
N ASN B 43 8.41 -27.60 -14.34
CA ASN B 43 7.58 -28.24 -13.34
C ASN B 43 7.40 -29.73 -13.61
N GLN B 44 7.96 -30.23 -14.71
CA GLN B 44 7.83 -31.65 -15.05
C GLN B 44 8.61 -32.52 -14.08
N LEU B 45 8.19 -33.78 -13.99
CA LEU B 45 8.84 -34.74 -13.09
C LEU B 45 8.50 -36.15 -13.58
N PHE B 46 9.19 -37.12 -13.00
CA PHE B 46 9.02 -38.51 -13.40
C PHE B 46 7.67 -39.04 -12.92
N GLY B 47 7.41 -40.31 -13.22
CA GLY B 47 6.18 -40.93 -12.78
C GLY B 47 6.17 -42.40 -13.17
N VAL B 48 5.38 -43.16 -12.43
CA VAL B 48 5.21 -44.59 -12.64
C VAL B 48 3.73 -44.88 -12.88
N VAL B 49 3.42 -45.52 -14.00
CA VAL B 49 2.04 -45.84 -14.33
C VAL B 49 1.53 -46.92 -13.39
N GLU B 50 0.34 -46.73 -12.84
CA GLU B 50 -0.25 -47.66 -11.88
C GLU B 50 -1.44 -48.42 -12.41
N GLN B 51 -2.36 -47.76 -13.13
CA GLN B 51 -3.55 -48.41 -13.62
C GLN B 51 -4.19 -47.55 -14.69
N ALA B 52 -4.59 -48.18 -15.80
CA ALA B 52 -5.27 -47.47 -16.87
C ALA B 52 -6.77 -47.42 -16.59
N LEU B 53 -7.37 -46.24 -16.78
CA LEU B 53 -8.76 -46.01 -16.45
C LEU B 53 -9.67 -45.98 -17.68
N GLY B 54 -9.12 -46.13 -18.88
CA GLY B 54 -9.95 -46.17 -20.06
C GLY B 54 -10.12 -44.80 -20.69
N ALA B 55 -10.43 -44.80 -21.98
CA ALA B 55 -10.63 -43.56 -22.76
C ALA B 55 -9.42 -42.65 -22.68
N GLY B 56 -8.23 -43.24 -22.75
CA GLY B 56 -7.00 -42.46 -22.70
C GLY B 56 -6.74 -41.76 -21.38
N TRP B 57 -6.99 -42.43 -20.26
CA TRP B 57 -6.73 -41.89 -18.94
C TRP B 57 -5.88 -42.88 -18.16
N MET B 58 -4.81 -42.39 -17.53
CA MET B 58 -3.95 -43.23 -16.72
C MET B 58 -3.93 -42.70 -15.29
N ASP B 59 -3.37 -43.51 -14.39
CA ASP B 59 -3.25 -43.16 -12.98
C ASP B 59 -1.78 -43.27 -12.62
N VAL B 60 -1.08 -42.14 -12.52
CA VAL B 60 0.37 -42.11 -12.43
C VAL B 60 0.79 -41.67 -11.04
N ARG B 61 1.76 -42.38 -10.47
CA ARG B 61 2.38 -42.02 -9.20
C ARG B 61 3.65 -41.25 -9.49
N CYS B 62 3.74 -40.01 -9.00
CA CYS B 62 4.84 -39.13 -9.32
C CYS B 62 5.95 -39.25 -8.28
N GLU B 63 6.98 -38.42 -8.41
CA GLU B 63 8.12 -38.43 -7.50
C GLU B 63 7.87 -37.64 -6.23
N ASP B 64 6.83 -36.80 -6.19
CA ASP B 64 6.51 -35.99 -5.02
C ASP B 64 5.48 -36.68 -4.11
N GLY B 65 5.36 -38.00 -4.21
CA GLY B 65 4.44 -38.73 -3.36
C GLY B 65 2.99 -38.36 -3.55
N LYS B 66 2.56 -38.19 -4.80
CA LYS B 66 1.17 -37.89 -5.12
C LYS B 66 0.70 -38.79 -6.24
N ILE B 67 -0.60 -39.11 -6.21
CA ILE B 67 -1.25 -39.93 -7.21
C ILE B 67 -2.03 -38.96 -8.07
N ARG B 68 -1.89 -39.06 -9.38
CA ARG B 68 -2.52 -38.12 -10.28
C ARG B 68 -3.29 -38.86 -11.37
N ARG B 69 -4.52 -38.42 -11.63
CA ARG B 69 -5.31 -38.89 -12.75
C ARG B 69 -4.86 -38.12 -14.00
N CYS B 70 -4.02 -38.75 -14.81
CA CYS B 70 -3.33 -38.09 -15.90
C CYS B 70 -4.00 -38.39 -17.24
N ARG B 71 -3.97 -37.39 -18.12
CA ARG B 71 -4.55 -37.48 -19.45
C ARG B 71 -3.46 -37.57 -20.51
N ILE B 72 -3.63 -38.49 -21.45
CA ILE B 72 -2.63 -38.73 -22.50
C ILE B 72 -2.99 -37.86 -23.69
N PRO B 73 -2.11 -36.97 -24.14
CA PRO B 73 -2.35 -36.24 -25.38
C PRO B 73 -2.50 -37.20 -26.55
N GLY B 74 -3.43 -36.87 -27.46
CA GLY B 74 -3.74 -37.77 -28.56
C GLY B 74 -2.65 -37.87 -29.61
N LYS B 75 -1.73 -36.90 -29.64
CA LYS B 75 -0.65 -36.87 -30.63
C LYS B 75 0.27 -38.08 -30.53
N LEU B 76 0.64 -38.44 -29.31
CA LEU B 76 1.45 -39.62 -29.05
C LEU B 76 0.62 -40.83 -28.63
N ARG B 77 -0.66 -40.64 -28.42
CA ARG B 77 -1.53 -41.74 -28.04
C ARG B 77 -1.67 -42.78 -29.15
N ARG B 78 -1.67 -42.33 -30.40
CA ARG B 78 -1.93 -43.22 -31.52
C ARG B 78 -0.73 -44.10 -31.84
N ARG B 79 0.48 -43.56 -31.68
CA ARG B 79 1.70 -44.32 -32.03
C ARG B 79 2.54 -44.95 -30.92
N VAL B 80 2.35 -44.53 -29.67
CA VAL B 80 3.12 -45.08 -28.56
C VAL B 80 2.17 -45.80 -27.62
N TRP B 81 2.43 -47.08 -27.38
CA TRP B 81 1.61 -47.90 -26.49
C TRP B 81 2.23 -47.86 -25.10
N ILE B 82 1.42 -47.51 -24.11
CA ILE B 82 1.88 -47.42 -22.74
C ILE B 82 1.20 -48.51 -21.92
N ARG B 83 1.99 -49.16 -21.07
CA ARG B 83 1.51 -50.24 -20.21
C ARG B 83 1.88 -49.93 -18.76
N VAL B 84 1.13 -50.50 -17.82
CA VAL B 84 1.32 -50.23 -16.41
C VAL B 84 2.75 -50.54 -16.00
N GLY B 85 3.34 -49.63 -15.23
CA GLY B 85 4.68 -49.81 -14.71
C GLY B 85 5.78 -49.31 -15.62
N ASP B 86 5.71 -48.04 -16.00
CA ASP B 86 6.72 -47.44 -16.86
C ASP B 86 7.12 -46.07 -16.31
N LEU B 87 8.35 -45.66 -16.64
CA LEU B 87 8.85 -44.36 -16.25
C LEU B 87 8.49 -43.34 -17.33
N VAL B 88 7.75 -42.30 -16.95
CA VAL B 88 7.26 -41.30 -17.89
C VAL B 88 7.42 -39.92 -17.30
N ILE B 89 7.31 -38.91 -18.16
CA ILE B 89 7.39 -37.51 -17.77
C ILE B 89 5.98 -36.94 -17.78
N VAL B 90 5.59 -36.29 -16.68
CA VAL B 90 4.24 -35.77 -16.51
C VAL B 90 4.33 -34.29 -16.14
N GLN B 91 3.56 -33.46 -16.85
CA GLN B 91 3.44 -32.05 -16.52
C GLN B 91 2.06 -31.79 -15.93
N PRO B 92 1.97 -31.30 -14.69
CA PRO B 92 0.65 -31.04 -14.09
C PRO B 92 -0.09 -29.94 -14.82
N TRP B 93 -1.42 -30.01 -14.77
CA TRP B 93 -2.24 -28.98 -15.39
C TRP B 93 -2.04 -27.65 -14.69
N PRO B 94 -2.13 -26.53 -15.42
CA PRO B 94 -1.91 -25.22 -14.77
C PRO B 94 -2.88 -24.92 -13.64
N VAL B 95 -4.12 -25.39 -13.74
CA VAL B 95 -5.14 -25.18 -12.71
C VAL B 95 -5.38 -26.51 -12.02
N GLN B 96 -5.38 -26.49 -10.69
CA GLN B 96 -5.51 -27.71 -9.87
C GLN B 96 -4.38 -28.68 -10.17
N SER B 97 -3.16 -28.22 -9.93
CA SER B 97 -1.97 -29.00 -10.26
C SER B 97 -1.62 -29.98 -9.15
N ASP B 98 -2.60 -30.74 -8.68
CA ASP B 98 -2.37 -31.75 -7.65
C ASP B 98 -2.93 -33.12 -8.01
N LYS B 99 -3.90 -33.23 -8.91
CA LYS B 99 -4.49 -34.51 -9.27
C LYS B 99 -4.59 -34.75 -10.76
N ARG B 100 -4.24 -33.77 -11.60
CA ARG B 100 -4.34 -33.90 -13.05
C ARG B 100 -3.00 -33.56 -13.69
N GLY B 101 -2.72 -34.20 -14.82
CA GLY B 101 -1.48 -33.95 -15.53
C GLY B 101 -1.53 -34.57 -16.91
N ASP B 102 -0.52 -34.23 -17.71
CA ASP B 102 -0.38 -34.73 -19.07
C ASP B 102 0.95 -35.47 -19.20
N ILE B 103 0.90 -36.65 -19.83
CA ILE B 103 2.10 -37.46 -20.04
C ILE B 103 2.71 -37.08 -21.38
N VAL B 104 4.00 -36.75 -21.38
CA VAL B 104 4.65 -36.20 -22.56
C VAL B 104 5.65 -37.16 -23.19
N TYR B 105 6.27 -38.06 -22.42
CA TYR B 105 7.31 -38.91 -22.99
C TYR B 105 7.43 -40.18 -22.16
N ARG B 106 7.75 -41.28 -22.84
CA ARG B 106 7.92 -42.61 -22.25
C ARG B 106 9.38 -43.04 -22.33
N TYR B 107 9.89 -43.63 -21.26
CA TYR B 107 11.30 -44.02 -21.17
C TYR B 107 11.44 -45.51 -21.49
N THR B 108 12.29 -45.81 -22.46
CA THR B 108 12.52 -47.19 -22.86
C THR B 108 13.40 -47.90 -21.83
N GLN B 109 13.68 -49.19 -22.09
CA GLN B 109 14.46 -49.99 -21.15
C GLN B 109 15.89 -49.46 -21.03
N THR B 110 16.51 -49.12 -22.16
CA THR B 110 17.88 -48.63 -22.12
C THR B 110 17.98 -47.29 -21.39
N GLN B 111 17.00 -46.40 -21.62
CA GLN B 111 17.04 -45.10 -20.96
C GLN B 111 16.85 -45.22 -19.46
N VAL B 112 15.91 -46.06 -19.02
CA VAL B 112 15.68 -46.22 -17.59
C VAL B 112 16.88 -46.91 -16.93
N ASP B 113 17.49 -47.87 -17.64
CA ASP B 113 18.70 -48.51 -17.10
C ASP B 113 19.83 -47.51 -16.96
N TRP B 114 20.01 -46.65 -17.97
CA TRP B 114 21.04 -45.62 -17.88
C TRP B 114 20.78 -44.66 -16.74
N LEU B 115 19.51 -44.27 -16.55
CA LEU B 115 19.17 -43.38 -15.43
C LEU B 115 19.43 -44.05 -14.09
N LEU B 116 19.08 -45.32 -13.96
CA LEU B 116 19.33 -46.04 -12.71
C LEU B 116 20.82 -46.13 -12.41
N ARG B 117 21.64 -46.39 -13.44
CA ARG B 117 23.07 -46.47 -13.24
C ARG B 117 23.67 -45.10 -12.92
N LYS B 118 23.17 -44.05 -13.58
CA LYS B 118 23.67 -42.70 -13.32
C LYS B 118 23.35 -42.25 -11.90
N GLY B 119 22.15 -42.56 -11.42
CA GLY B 119 21.75 -42.22 -10.08
C GLY B 119 20.80 -41.06 -9.93
N LYS B 120 20.26 -40.54 -11.03
CA LYS B 120 19.25 -39.49 -10.94
C LYS B 120 17.97 -39.97 -10.28
N ILE B 121 17.65 -41.26 -10.43
CA ILE B 121 16.48 -41.86 -9.80
C ILE B 121 16.91 -43.17 -9.16
N THR B 122 16.17 -43.58 -8.14
CA THR B 122 16.49 -44.78 -7.38
C THR B 122 15.70 -45.97 -7.94
N GLN B 123 15.89 -47.13 -7.29
CA GLN B 123 15.20 -48.35 -7.71
C GLN B 123 13.86 -48.50 -7.02
N GLU B 124 13.72 -48.02 -5.79
CA GLU B 124 12.49 -48.25 -5.04
C GLU B 124 11.34 -47.40 -5.57
N PHE B 125 11.63 -46.25 -6.18
CA PHE B 125 10.59 -45.49 -6.86
C PHE B 125 9.99 -46.29 -8.01
N LEU B 126 10.84 -46.94 -8.82
CA LEU B 126 10.34 -47.76 -9.90
C LEU B 126 9.61 -48.98 -9.38
N THR B 127 10.17 -49.66 -8.38
CA THR B 127 9.57 -50.89 -7.87
C THR B 127 8.43 -50.64 -6.89
N GLY B 128 8.41 -49.49 -6.24
CA GLY B 128 7.35 -49.17 -5.30
C GLY B 128 7.45 -49.92 -3.99
N ARG C 25 1.31 45.89 -16.66
CA ARG C 25 0.47 44.78 -16.22
C ARG C 25 1.31 43.70 -15.56
N ILE C 26 1.09 43.48 -14.27
CA ILE C 26 1.83 42.50 -13.48
C ILE C 26 0.84 41.50 -12.90
N ARG C 27 1.14 40.22 -13.07
CA ARG C 27 0.32 39.13 -12.53
C ARG C 27 0.63 38.85 -11.06
N GLN C 28 -0.31 38.25 -10.35
CA GLN C 28 -0.12 37.93 -8.93
C GLN C 28 0.91 36.82 -8.80
N PRO C 29 1.94 37.01 -7.98
CA PRO C 29 2.94 35.94 -7.80
C PRO C 29 2.33 34.73 -7.11
N ILE C 30 2.87 33.56 -7.42
CA ILE C 30 2.38 32.29 -6.90
C ILE C 30 3.28 31.85 -5.75
N ILE C 31 2.67 31.64 -4.58
CA ILE C 31 3.38 31.29 -3.36
C ILE C 31 2.95 29.90 -2.93
N ALA C 32 3.92 29.02 -2.70
CA ALA C 32 3.67 27.66 -2.24
C ALA C 32 4.12 27.52 -0.79
N VAL C 33 3.24 27.01 0.05
CA VAL C 33 3.53 26.79 1.46
C VAL C 33 3.98 25.34 1.64
N LEU C 34 5.12 25.15 2.30
CA LEU C 34 5.66 23.81 2.52
C LEU C 34 6.02 23.66 3.99
N GLY C 35 6.04 22.41 4.46
CA GLY C 35 6.36 22.15 5.84
C GLY C 35 6.07 20.70 6.21
N HIS C 36 6.15 20.43 7.50
CA HIS C 36 5.94 19.11 8.07
C HIS C 36 4.53 18.99 8.64
N VAL C 37 4.13 17.74 8.93
CA VAL C 37 2.82 17.49 9.52
C VAL C 37 2.72 18.20 10.87
N ASP C 38 1.55 18.80 11.13
CA ASP C 38 1.28 19.50 12.37
C ASP C 38 2.26 20.64 12.60
N HIS C 39 2.44 21.46 11.55
CA HIS C 39 3.29 22.64 11.63
C HIS C 39 2.53 23.91 11.24
N GLY C 40 1.21 23.88 11.29
CA GLY C 40 0.41 25.07 11.03
C GLY C 40 0.48 25.60 9.62
N LYS C 41 0.42 24.73 8.61
CA LYS C 41 0.39 25.21 7.24
C LYS C 41 -1.01 25.69 6.85
N THR C 42 -2.02 24.88 7.13
CA THR C 42 -3.40 25.27 6.80
C THR C 42 -3.88 26.41 7.70
N THR C 43 -3.42 26.44 8.95
CA THR C 43 -3.90 27.44 9.89
C THR C 43 -3.49 28.85 9.47
N LEU C 44 -2.28 29.00 8.92
CA LEU C 44 -1.83 30.31 8.46
C LEU C 44 -2.73 30.83 7.34
N LEU C 45 -3.04 29.97 6.37
CA LEU C 45 -3.90 30.37 5.27
C LEU C 45 -5.31 30.66 5.77
N ASP C 46 -5.80 29.88 6.73
CA ASP C 46 -7.12 30.12 7.30
C ASP C 46 -7.18 31.48 7.98
N ARG C 47 -6.13 31.82 8.74
CA ARG C 47 -6.10 33.12 9.39
C ARG C 47 -6.01 34.25 8.36
N ILE C 48 -5.25 34.06 7.29
CA ILE C 48 -5.20 35.06 6.23
C ILE C 48 -6.57 35.26 5.62
N ARG C 49 -7.29 34.17 5.37
CA ARG C 49 -8.64 34.23 4.82
C ARG C 49 -9.70 34.56 5.86
N LYS C 50 -9.36 34.48 7.15
CA LYS C 50 -10.32 34.68 8.24
C LYS C 50 -11.51 33.72 8.10
N THR C 51 -11.21 32.49 7.69
CA THR C 51 -12.21 31.43 7.58
C THR C 51 -11.62 30.15 8.14
N ASN C 52 -12.51 29.24 8.57
CA ASN C 52 -12.10 27.99 9.19
C ASN C 52 -12.17 26.86 8.18
N VAL C 53 -11.02 26.25 7.88
CA VAL C 53 -10.96 25.10 6.98
C VAL C 53 -10.24 23.97 7.70
N ALA C 54 -9.40 24.32 8.67
CA ALA C 54 -8.59 23.32 9.36
C ALA C 54 -9.43 22.33 10.15
N ALA C 55 -10.61 22.76 10.63
CA ALA C 55 -11.48 21.87 11.38
C ALA C 55 -12.38 21.03 10.49
N LYS C 56 -12.46 21.35 9.20
CA LYS C 56 -13.40 20.64 8.32
C LYS C 56 -12.92 19.22 8.02
N GLU C 57 -11.64 19.05 7.68
CA GLU C 57 -11.18 17.78 7.18
C GLU C 57 -11.11 16.73 8.28
N ALA C 58 -11.08 15.47 7.87
CA ALA C 58 -11.05 14.34 8.79
C ALA C 58 -9.61 13.97 9.10
N GLY C 59 -9.31 13.76 10.37
CA GLY C 59 -7.97 13.40 10.79
C GLY C 59 -7.01 14.56 10.95
N GLY C 60 -7.45 15.78 10.67
CA GLY C 60 -6.60 16.94 10.85
C GLY C 60 -5.55 17.15 9.78
N ILE C 61 -5.54 16.33 8.74
CA ILE C 61 -4.54 16.41 7.67
C ILE C 61 -5.27 16.75 6.37
N THR C 62 -4.68 17.66 5.60
CA THR C 62 -5.22 18.08 4.31
C THR C 62 -4.48 17.33 3.21
N GLN C 63 -5.22 16.55 2.43
CA GLN C 63 -4.64 15.70 1.39
C GLN C 63 -4.89 16.23 -0.01
N HIS C 64 -5.40 17.44 -0.15
CA HIS C 64 -5.72 18.02 -1.44
C HIS C 64 -5.06 19.37 -1.58
N ILE C 65 -4.38 19.59 -2.71
CA ILE C 65 -3.75 20.87 -2.99
C ILE C 65 -4.80 21.86 -3.49
N GLY C 66 -4.64 23.13 -3.13
CA GLY C 66 -5.57 24.15 -3.56
C GLY C 66 -4.87 25.45 -3.92
N ALA C 67 -5.60 26.35 -4.59
CA ALA C 67 -5.08 27.66 -4.96
C ALA C 67 -6.08 28.71 -4.48
N THR C 68 -5.57 29.73 -3.79
CA THR C 68 -6.41 30.79 -3.24
C THR C 68 -5.86 32.14 -3.64
N GLU C 69 -6.75 33.05 -4.03
CA GLU C 69 -6.40 34.39 -4.43
C GLU C 69 -6.73 35.37 -3.32
N VAL C 70 -5.76 36.22 -2.97
CA VAL C 70 -5.91 37.20 -1.90
C VAL C 70 -5.86 38.59 -2.55
N PRO C 71 -6.94 39.38 -2.47
CA PRO C 71 -6.89 40.74 -3.01
C PRO C 71 -5.91 41.62 -2.26
N ILE C 72 -5.36 42.61 -2.95
CA ILE C 72 -4.37 43.49 -2.34
C ILE C 72 -4.99 44.40 -1.29
N GLU C 73 -6.31 44.63 -1.34
CA GLU C 73 -6.95 45.52 -0.39
C GLU C 73 -6.86 44.98 1.03
N VAL C 74 -7.15 43.69 1.21
CA VAL C 74 -7.03 43.11 2.54
C VAL C 74 -5.58 43.03 2.98
N VAL C 75 -4.65 42.89 2.02
CA VAL C 75 -3.23 42.93 2.34
C VAL C 75 -2.87 44.30 2.93
N LYS C 76 -3.32 45.37 2.28
CA LYS C 76 -3.06 46.71 2.78
C LYS C 76 -3.71 46.93 4.14
N LYS C 77 -4.94 46.42 4.31
CA LYS C 77 -5.62 46.56 5.60
C LYS C 77 -4.87 45.84 6.71
N ILE C 78 -4.36 44.63 6.43
CA ILE C 78 -3.59 43.89 7.42
C ILE C 78 -2.29 44.62 7.74
N ALA C 79 -1.62 45.14 6.71
CA ALA C 79 -0.37 45.86 6.92
C ALA C 79 -0.68 47.23 7.53
N GLY C 80 0.36 48.04 7.72
CA GLY C 80 0.21 49.34 8.33
C GLY C 80 1.33 50.28 7.98
N PRO C 81 1.84 51.02 8.98
CA PRO C 81 2.92 51.98 8.72
C PRO C 81 4.20 51.33 8.22
N LEU C 82 4.36 50.02 8.43
CA LEU C 82 5.61 49.35 8.05
C LEU C 82 5.87 49.41 6.54
N ILE C 83 4.85 49.63 5.72
CA ILE C 83 5.04 49.67 4.28
C ILE C 83 5.90 50.85 3.87
N LYS C 84 6.01 51.88 4.71
CA LYS C 84 6.79 53.07 4.37
C LYS C 84 8.29 52.89 4.60
N LEU C 85 8.73 51.79 5.20
CA LEU C 85 10.16 51.63 5.45
C LEU C 85 10.92 51.31 4.17
N TRP C 86 10.27 50.67 3.21
CA TRP C 86 10.92 50.26 1.97
C TRP C 86 10.45 51.13 0.82
N LYS C 87 11.42 51.60 0.01
CA LYS C 87 11.14 52.53 -1.08
C LYS C 87 10.67 51.75 -2.30
N ALA C 88 9.36 51.45 -2.31
CA ALA C 88 8.72 50.76 -3.41
C ALA C 88 7.24 51.10 -3.39
N GLU C 89 6.45 50.35 -4.15
CA GLU C 89 5.02 50.57 -4.24
C GLU C 89 4.28 49.26 -4.00
N ILE C 90 3.00 49.38 -3.69
CA ILE C 90 2.15 48.22 -3.42
C ILE C 90 1.31 47.84 -4.65
N LYS C 91 1.78 48.21 -5.84
CA LYS C 91 1.03 48.05 -7.09
C LYS C 91 0.76 46.59 -7.45
N LEU C 92 1.21 45.66 -6.63
CA LEU C 92 0.93 44.25 -6.88
C LEU C 92 -0.57 43.99 -6.79
N PRO C 93 -1.18 43.42 -7.82
CA PRO C 93 -2.64 43.23 -7.80
C PRO C 93 -3.13 42.34 -6.68
N GLY C 94 -2.34 41.36 -6.27
CA GLY C 94 -2.78 40.45 -5.23
C GLY C 94 -1.78 39.31 -5.07
N LEU C 95 -2.23 38.27 -4.39
CA LEU C 95 -1.41 37.10 -4.09
C LEU C 95 -2.17 35.83 -4.44
N LEU C 96 -1.42 34.80 -4.85
CA LEU C 96 -1.99 33.52 -5.23
C LEU C 96 -1.30 32.44 -4.39
N PHE C 97 -1.93 32.07 -3.28
CA PHE C 97 -1.35 31.10 -2.36
C PHE C 97 -1.73 29.68 -2.77
N ILE C 98 -0.79 28.76 -2.58
CA ILE C 98 -0.99 27.34 -2.83
C ILE C 98 -0.68 26.58 -1.54
N ASP C 99 -1.62 25.77 -1.10
CA ASP C 99 -1.41 24.90 0.05
C ASP C 99 -0.83 23.56 -0.40
N THR C 100 -0.24 22.84 0.55
CA THR C 100 0.42 21.59 0.21
C THR C 100 0.41 20.64 1.40
N PRO C 101 0.03 19.38 1.20
CA PRO C 101 0.11 18.41 2.30
C PRO C 101 1.54 18.18 2.76
N GLY C 102 1.69 17.89 4.05
CA GLY C 102 3.00 17.62 4.62
C GLY C 102 3.21 16.17 4.98
N HIS C 103 2.25 15.31 4.63
CA HIS C 103 2.36 13.90 4.94
C HIS C 103 3.43 13.24 4.07
N GLU C 104 3.95 12.11 4.57
CA GLU C 104 5.04 11.42 3.88
C GLU C 104 4.58 10.89 2.52
N ALA C 105 3.33 10.45 2.42
CA ALA C 105 2.87 9.78 1.22
C ALA C 105 2.76 10.72 0.02
N PHE C 106 2.41 11.98 0.26
CA PHE C 106 2.12 12.92 -0.83
C PHE C 106 3.40 13.63 -1.26
N THR C 107 4.32 12.85 -1.83
CA THR C 107 5.57 13.41 -2.34
C THR C 107 5.36 14.13 -3.65
N SER C 108 4.57 13.55 -4.55
CA SER C 108 4.38 14.13 -5.88
C SER C 108 3.68 15.48 -5.79
N LEU C 109 2.72 15.61 -4.87
CA LEU C 109 2.04 16.89 -4.70
C LEU C 109 3.01 17.97 -4.23
N ARG C 110 3.90 17.62 -3.30
CA ARG C 110 4.92 18.57 -2.85
C ARG C 110 5.85 18.96 -4.00
N ALA C 111 6.24 17.98 -4.82
CA ALA C 111 7.11 18.27 -5.94
C ALA C 111 6.45 19.22 -6.93
N ARG C 112 5.17 18.97 -7.24
CA ARG C 112 4.43 19.84 -8.15
C ARG C 112 4.32 21.25 -7.59
N GLY C 113 3.99 21.36 -6.29
CA GLY C 113 3.88 22.68 -5.69
C GLY C 113 5.20 23.44 -5.68
N GLY C 114 6.29 22.73 -5.41
CA GLY C 114 7.59 23.38 -5.44
C GLY C 114 8.00 23.83 -6.83
N SER C 115 7.74 23.00 -7.84
CA SER C 115 8.15 23.35 -9.20
C SER C 115 7.30 24.49 -9.76
N LEU C 116 6.00 24.48 -9.49
CA LEU C 116 5.10 25.43 -10.14
C LEU C 116 5.28 26.84 -9.61
N ALA C 117 5.35 27.00 -8.29
CA ALA C 117 5.25 28.33 -7.69
C ALA C 117 6.51 29.14 -7.94
N ASP C 118 6.35 30.47 -7.87
CA ASP C 118 7.46 31.40 -7.99
C ASP C 118 8.15 31.66 -6.66
N LEU C 119 7.38 31.77 -5.57
CA LEU C 119 7.93 31.96 -4.24
C LEU C 119 7.48 30.82 -3.34
N ALA C 120 8.27 30.55 -2.31
CA ALA C 120 7.97 29.48 -1.37
C ALA C 120 8.06 30.00 0.06
N VAL C 121 7.27 29.39 0.94
CA VAL C 121 7.29 29.72 2.36
C VAL C 121 7.44 28.39 3.10
N LEU C 122 8.62 28.16 3.67
CA LEU C 122 8.85 26.98 4.48
C LEU C 122 8.50 27.28 5.93
N VAL C 123 7.57 26.51 6.50
CA VAL C 123 7.11 26.71 7.87
C VAL C 123 7.65 25.58 8.72
N VAL C 124 8.50 25.91 9.68
CA VAL C 124 9.17 24.93 10.52
C VAL C 124 8.92 25.29 11.98
N ASP C 125 8.44 24.31 12.76
CA ASP C 125 8.23 24.52 14.18
C ASP C 125 9.58 24.56 14.90
N ILE C 126 9.74 25.53 15.79
CA ILE C 126 11.00 25.71 16.49
C ILE C 126 11.25 24.57 17.47
N ASN C 127 10.18 24.07 18.11
CA ASN C 127 10.35 23.10 19.18
C ASN C 127 10.90 21.77 18.65
N GLU C 128 10.28 21.22 17.60
CA GLU C 128 10.67 19.90 17.13
C GLU C 128 11.91 19.92 16.27
N GLY C 129 12.35 21.08 15.80
CA GLY C 129 13.57 21.16 15.02
C GLY C 129 13.31 20.84 13.57
N PHE C 130 13.97 19.80 13.07
CA PHE C 130 13.88 19.42 11.67
C PHE C 130 13.28 18.03 11.52
N GLN C 131 12.62 17.81 10.39
CA GLN C 131 11.99 16.55 10.03
C GLN C 131 12.39 16.17 8.62
N PRO C 132 12.32 14.89 8.27
CA PRO C 132 12.69 14.49 6.90
C PRO C 132 11.89 15.17 5.82
N GLN C 133 10.61 15.48 6.08
CA GLN C 133 9.80 16.19 5.10
C GLN C 133 10.35 17.59 4.85
N THR C 134 10.86 18.25 5.88
CA THR C 134 11.49 19.55 5.68
C THR C 134 12.72 19.43 4.79
N ILE C 135 13.53 18.39 5.00
CA ILE C 135 14.72 18.18 4.17
C ILE C 135 14.31 17.93 2.72
N GLU C 136 13.26 17.12 2.51
CA GLU C 136 12.80 16.86 1.16
C GLU C 136 12.28 18.13 0.49
N SER C 137 11.55 18.96 1.25
CA SER C 137 11.06 20.22 0.70
C SER C 137 12.21 21.14 0.31
N ILE C 138 13.24 21.23 1.15
CA ILE C 138 14.40 22.05 0.83
C ILE C 138 15.10 21.52 -0.41
N GLU C 139 15.22 20.19 -0.52
CA GLU C 139 15.82 19.60 -1.70
C GLU C 139 15.04 19.94 -2.96
N ILE C 140 13.72 19.85 -2.90
CA ILE C 140 12.89 20.17 -4.07
C ILE C 140 13.04 21.65 -4.44
N LEU C 141 13.04 22.52 -3.43
CA LEU C 141 13.19 23.94 -3.71
C LEU C 141 14.54 24.24 -4.35
N ARG C 142 15.60 23.60 -3.87
CA ARG C 142 16.91 23.78 -4.48
C ARG C 142 16.92 23.26 -5.91
N LYS C 143 16.28 22.11 -6.15
CA LYS C 143 16.24 21.55 -7.50
C LYS C 143 15.52 22.48 -8.47
N TYR C 144 14.41 23.07 -8.03
CA TYR C 144 13.62 23.96 -8.87
C TYR C 144 13.96 25.43 -8.66
N ARG C 145 15.10 25.72 -8.04
CA ARG C 145 15.65 27.06 -7.83
C ARG C 145 14.56 28.08 -7.49
N THR C 146 13.83 27.79 -6.41
CA THR C 146 12.76 28.66 -5.94
C THR C 146 13.22 29.40 -4.70
N PRO C 147 13.37 30.73 -4.75
CA PRO C 147 13.70 31.49 -3.54
C PRO C 147 12.58 31.37 -2.51
N PHE C 148 12.96 31.44 -1.23
CA PHE C 148 11.99 31.25 -0.16
C PHE C 148 12.46 31.99 1.09
N VAL C 149 11.53 32.18 2.02
CA VAL C 149 11.79 32.78 3.32
C VAL C 149 11.24 31.84 4.38
N VAL C 150 11.94 31.76 5.52
CA VAL C 150 11.61 30.78 6.55
C VAL C 150 10.67 31.42 7.56
N ALA C 151 9.69 30.65 8.02
CA ALA C 151 8.78 31.08 9.07
C ALA C 151 8.97 30.20 10.31
N ALA C 152 8.51 30.72 11.45
CA ALA C 152 8.61 30.00 12.71
C ALA C 152 7.31 30.15 13.46
N ASN C 153 6.67 29.03 13.79
CA ASN C 153 5.38 28.99 14.46
C ASN C 153 5.52 28.49 15.88
N LYS C 154 4.38 28.28 16.54
CA LYS C 154 4.32 27.75 17.90
C LYS C 154 5.06 28.64 18.89
N ILE C 155 5.02 29.96 18.68
CA ILE C 155 5.70 30.89 19.57
C ILE C 155 5.07 30.85 20.96
N ASP C 156 3.75 30.67 21.02
CA ASP C 156 3.05 30.63 22.30
C ASP C 156 3.46 29.46 23.18
N ARG C 157 4.13 28.45 22.62
CA ARG C 157 4.59 27.33 23.44
C ARG C 157 5.65 27.75 24.44
N ILE C 158 6.32 28.88 24.21
CA ILE C 158 7.30 29.38 25.17
C ILE C 158 6.57 29.95 26.38
N LYS C 159 6.96 29.51 27.57
CA LYS C 159 6.32 29.99 28.79
C LYS C 159 6.59 31.47 29.02
N GLY C 160 5.68 32.11 29.75
CA GLY C 160 5.79 33.53 29.99
C GLY C 160 5.63 34.38 28.75
N TRP C 161 4.67 34.04 27.89
CA TRP C 161 4.40 34.79 26.67
C TRP C 161 2.97 35.33 26.73
N VAL C 162 2.82 36.62 26.48
CA VAL C 162 1.51 37.26 26.43
C VAL C 162 0.99 37.17 25.01
N ILE C 163 -0.34 37.03 24.87
CA ILE C 163 -0.98 36.86 23.58
C ILE C 163 -1.82 38.09 23.28
N GLU C 164 -1.70 38.60 22.06
CA GLU C 164 -2.48 39.75 21.61
C GLU C 164 -2.92 39.51 20.17
N GLU C 165 -4.11 40.01 19.84
CA GLU C 165 -4.72 39.68 18.55
C GLU C 165 -4.13 40.55 17.45
N ASP C 166 -3.39 39.93 16.53
CA ASP C 166 -2.92 40.54 15.29
C ASP C 166 -2.06 41.78 15.56
N GLU C 167 -0.91 41.53 16.19
CA GLU C 167 0.11 42.56 16.31
C GLU C 167 1.43 42.05 15.78
N PRO C 168 2.21 42.91 15.12
CA PRO C 168 3.51 42.47 14.59
C PRO C 168 4.47 42.07 15.70
N PHE C 169 5.50 41.32 15.32
CA PHE C 169 6.50 40.88 16.29
C PHE C 169 7.22 42.05 16.94
N LEU C 170 7.41 43.15 16.20
CA LEU C 170 8.07 44.32 16.77
C LEU C 170 7.26 44.90 17.93
N MET C 171 5.93 44.89 17.81
CA MET C 171 5.09 45.37 18.90
C MET C 171 5.03 44.35 20.03
N ASN C 172 5.10 43.06 19.72
CA ASN C 172 4.94 42.03 20.73
C ASN C 172 6.19 41.84 21.58
N ILE C 173 7.38 42.01 20.99
CA ILE C 173 8.62 41.66 21.69
C ILE C 173 8.79 42.49 22.95
N LYS C 174 8.40 43.77 22.91
CA LYS C 174 8.54 44.64 24.07
C LYS C 174 7.64 44.23 25.23
N LYS C 175 6.65 43.38 24.99
CA LYS C 175 5.73 42.96 26.04
C LYS C 175 6.20 41.73 26.78
N GLN C 176 7.37 41.18 26.44
CA GLN C 176 7.86 39.96 27.05
C GLN C 176 9.03 40.24 27.98
N ASP C 177 9.34 39.25 28.82
CA ASP C 177 10.45 39.35 29.76
C ASP C 177 11.74 38.88 29.09
N GLN C 178 12.83 38.87 29.86
CA GLN C 178 14.13 38.53 29.30
C GLN C 178 14.24 37.03 29.02
N ARG C 179 13.61 36.20 29.85
CA ARG C 179 13.74 34.75 29.70
C ARG C 179 13.16 34.28 28.37
N ALA C 180 11.97 34.76 28.01
CA ALA C 180 11.37 34.38 26.74
C ALA C 180 12.24 34.85 25.57
N VAL C 181 12.77 36.06 25.66
CA VAL C 181 13.60 36.60 24.59
C VAL C 181 14.86 35.76 24.42
N GLN C 182 15.50 35.37 25.52
CA GLN C 182 16.73 34.59 25.41
C GLN C 182 16.46 33.18 24.92
N GLU C 183 15.34 32.58 25.34
CA GLU C 183 14.97 31.27 24.80
C GLU C 183 14.72 31.34 23.30
N LEU C 184 14.01 32.38 22.86
CA LEU C 184 13.78 32.57 21.44
C LEU C 184 15.10 32.77 20.69
N GLU C 185 16.01 33.56 21.26
CA GLU C 185 17.30 33.79 20.61
C GLU C 185 18.07 32.49 20.47
N THR C 186 18.09 31.67 21.52
CA THR C 186 18.79 30.39 21.45
C THR C 186 18.16 29.47 20.40
N LYS C 187 16.83 29.41 20.35
CA LYS C 187 16.16 28.52 19.41
C LYS C 187 16.42 28.95 17.96
N LEU C 188 16.28 30.24 17.67
CA LEU C 188 16.56 30.71 16.32
C LEU C 188 18.04 30.61 15.97
N TRP C 189 18.94 30.77 16.95
CA TRP C 189 20.36 30.54 16.67
C TRP C 189 20.61 29.08 16.30
N GLU C 190 19.98 28.14 17.00
CA GLU C 190 20.11 26.73 16.64
C GLU C 190 19.56 26.48 15.25
N LEU C 191 18.42 27.09 14.90
CA LEU C 191 17.85 26.91 13.58
C LEU C 191 18.78 27.44 12.49
N ILE C 192 19.37 28.62 12.73
CA ILE C 192 20.30 29.20 11.77
C ILE C 192 21.53 28.31 11.61
N GLY C 193 22.03 27.77 12.71
CA GLY C 193 23.14 26.83 12.60
C GLY C 193 22.76 25.61 11.78
N LYS C 194 21.53 25.12 11.97
CA LYS C 194 21.04 23.99 11.19
C LYS C 194 21.05 24.31 9.70
N PHE C 195 20.45 25.44 9.33
CA PHE C 195 20.49 25.86 7.92
C PHE C 195 21.93 25.99 7.45
N TYR C 196 22.85 26.36 8.36
CA TYR C 196 24.23 26.49 7.95
C TYR C 196 24.84 25.15 7.55
N GLU C 197 24.58 24.07 8.31
CA GLU C 197 25.13 22.82 7.79
C GLU C 197 24.31 22.30 6.61
N PHE C 198 23.10 22.83 6.41
CA PHE C 198 22.46 22.65 5.10
C PHE C 198 22.98 23.62 4.05
N GLY C 199 24.12 24.25 4.30
CA GLY C 199 24.78 25.09 3.30
C GLY C 199 24.00 26.33 2.93
N PHE C 200 23.29 26.94 3.87
CA PHE C 200 22.50 28.13 3.61
C PHE C 200 22.72 29.12 4.74
N GLN C 201 22.97 30.38 4.39
CA GLN C 201 23.20 31.43 5.37
C GLN C 201 21.87 32.05 5.77
N ALA C 202 21.62 32.13 7.08
CA ALA C 202 20.35 32.59 7.61
C ALA C 202 20.56 33.73 8.59
N ASN C 203 19.60 34.65 8.63
CA ASN C 203 19.60 35.76 9.56
C ASN C 203 18.19 36.29 9.69
N ARG C 204 17.90 36.94 10.81
CA ARG C 204 16.56 37.45 11.06
C ARG C 204 16.24 38.59 10.08
N PHE C 205 14.94 38.78 9.84
CA PHE C 205 14.50 39.77 8.86
C PHE C 205 14.87 41.18 9.29
N ASP C 206 14.74 41.47 10.59
CA ASP C 206 15.11 42.79 11.10
C ASP C 206 16.58 42.88 11.50
N ARG C 207 17.32 41.79 11.42
CA ARG C 207 18.72 41.76 11.82
C ARG C 207 19.67 41.57 10.65
N VAL C 208 19.18 41.65 9.41
CA VAL C 208 20.01 41.50 8.23
C VAL C 208 19.76 42.67 7.29
N GLN C 209 20.79 43.04 6.54
CA GLN C 209 20.69 44.11 5.55
C GLN C 209 20.90 43.63 4.12
N ASN C 210 21.54 42.48 3.91
CA ASN C 210 21.71 41.93 2.57
C ASN C 210 20.48 41.12 2.18
N PHE C 211 20.09 41.21 0.91
CA PHE C 211 18.90 40.54 0.41
C PHE C 211 19.13 39.89 -0.95
N THR C 212 20.30 39.29 -1.15
CA THR C 212 20.55 38.50 -2.35
C THR C 212 21.15 37.13 -2.06
N ARG C 213 21.83 36.94 -0.93
CA ARG C 213 22.30 35.62 -0.52
C ARG C 213 21.80 35.21 0.85
N GLU C 214 21.19 36.11 1.62
CA GLU C 214 20.72 35.81 2.96
C GLU C 214 19.19 35.73 2.96
N LEU C 215 18.66 34.71 3.62
CA LEU C 215 17.23 34.52 3.73
C LEU C 215 16.70 35.35 4.91
N ALA C 216 15.42 35.20 5.23
CA ALA C 216 14.81 35.91 6.34
C ALA C 216 13.92 34.94 7.11
N ILE C 217 14.06 34.95 8.44
CA ILE C 217 13.28 34.12 9.33
C ILE C 217 12.28 35.01 10.06
N VAL C 218 10.99 34.71 9.88
CA VAL C 218 9.91 35.49 10.48
C VAL C 218 9.27 34.63 11.57
N PRO C 219 9.42 34.99 12.85
CA PRO C 219 8.70 34.27 13.90
C PRO C 219 7.22 34.65 13.94
N ILE C 220 6.34 33.73 13.58
CA ILE C 220 4.92 34.01 13.46
C ILE C 220 4.15 33.14 14.44
N SER C 221 2.87 33.48 14.63
CA SER C 221 1.96 32.73 15.47
C SER C 221 0.63 32.61 14.74
N ALA C 222 0.32 31.40 14.26
CA ALA C 222 -0.89 31.21 13.48
C ALA C 222 -2.14 31.41 14.32
N LYS C 223 -2.11 30.99 15.59
CA LYS C 223 -3.31 31.04 16.42
C LYS C 223 -3.67 32.46 16.85
N TYR C 224 -2.71 33.38 16.88
CA TYR C 224 -3.00 34.74 17.33
C TYR C 224 -2.49 35.82 16.40
N GLY C 225 -2.02 35.46 15.20
CA GLY C 225 -1.67 36.46 14.21
C GLY C 225 -0.52 37.35 14.59
N ILE C 226 0.48 36.82 15.29
CA ILE C 226 1.67 37.58 15.62
C ILE C 226 2.66 37.47 14.46
N GLY C 227 3.13 38.62 13.98
CA GLY C 227 4.14 38.64 12.94
C GLY C 227 3.64 38.35 11.55
N ILE C 228 2.33 38.29 11.33
CA ILE C 228 1.81 38.03 9.99
C ILE C 228 2.10 39.22 9.08
N ALA C 229 1.99 40.44 9.61
CA ALA C 229 2.20 41.63 8.79
C ALA C 229 3.62 41.69 8.24
N GLU C 230 4.61 41.34 9.05
CA GLU C 230 6.00 41.36 8.59
C GLU C 230 6.19 40.38 7.44
N LEU C 231 5.67 39.16 7.58
CA LEU C 231 5.79 38.17 6.52
C LEU C 231 5.08 38.63 5.26
N LEU C 232 3.90 39.24 5.41
CA LEU C 232 3.14 39.68 4.25
C LEU C 232 3.88 40.79 3.50
N VAL C 233 4.37 41.80 4.22
CA VAL C 233 5.09 42.89 3.57
C VAL C 233 6.40 42.39 2.97
N LEU C 234 7.07 41.44 3.63
CA LEU C 234 8.29 40.88 3.06
C LEU C 234 8.01 40.13 1.77
N ILE C 235 6.93 39.36 1.73
CA ILE C 235 6.55 38.66 0.49
C ILE C 235 6.22 39.67 -0.60
N ALA C 236 5.51 40.74 -0.25
CA ALA C 236 5.19 41.76 -1.25
C ALA C 236 6.45 42.43 -1.79
N GLY C 237 7.40 42.72 -0.91
CA GLY C 237 8.60 43.46 -1.29
C GLY C 237 9.65 42.65 -2.03
N LEU C 238 9.91 41.42 -1.57
CA LEU C 238 10.97 40.61 -2.15
C LEU C 238 10.65 40.14 -3.57
N SER C 239 9.40 40.27 -4.02
CA SER C 239 9.05 39.82 -5.36
C SER C 239 9.75 40.63 -6.45
N GLN C 240 9.90 41.94 -6.25
CA GLN C 240 10.47 42.82 -7.26
C GLN C 240 11.97 42.96 -7.16
N ARG C 241 12.62 42.28 -6.22
CA ARG C 241 14.06 42.42 -6.04
C ARG C 241 14.84 41.34 -6.78
N TYR C 242 14.47 40.07 -6.61
CA TYR C 242 15.21 38.99 -7.24
C TYR C 242 14.98 38.98 -8.74
N LEU C 243 13.74 38.80 -9.18
CA LEU C 243 13.40 38.80 -10.60
C LEU C 243 11.99 39.37 -10.74
N GLU C 244 11.89 40.54 -11.36
CA GLU C 244 10.60 41.18 -11.58
C GLU C 244 10.16 41.15 -13.04
N GLU C 245 11.11 41.02 -13.98
CA GLU C 245 10.76 41.02 -15.39
C GLU C 245 9.99 39.76 -15.81
N LYS C 246 10.06 38.69 -15.03
CA LYS C 246 9.28 37.50 -15.34
C LYS C 246 7.81 37.68 -14.97
N LEU C 247 7.50 38.75 -14.25
CA LEU C 247 6.13 39.04 -13.83
C LEU C 247 5.37 39.92 -14.82
N LYS C 248 5.96 40.22 -15.97
CA LYS C 248 5.28 41.01 -17.00
C LYS C 248 4.74 40.09 -18.08
N ILE C 249 3.44 40.19 -18.34
CA ILE C 249 2.75 39.33 -19.29
C ILE C 249 1.93 40.19 -20.25
N GLU C 250 2.03 39.89 -21.53
CA GLU C 250 1.14 40.51 -22.51
C GLU C 250 -0.31 40.10 -22.24
N VAL C 251 -1.21 41.06 -22.34
CA VAL C 251 -2.60 40.84 -21.98
C VAL C 251 -3.46 40.40 -23.17
N GLU C 252 -2.84 40.19 -24.33
CA GLU C 252 -3.57 39.77 -25.52
C GLU C 252 -3.03 38.50 -26.15
N GLY C 253 -1.92 37.94 -25.65
CA GLY C 253 -1.34 36.77 -26.24
C GLY C 253 -2.13 35.51 -25.93
N PRO C 254 -1.72 34.40 -26.54
CA PRO C 254 -2.39 33.13 -26.27
C PRO C 254 -2.19 32.68 -24.82
N ALA C 255 -3.18 31.95 -24.32
CA ALA C 255 -3.15 31.49 -22.93
C ALA C 255 -2.15 30.35 -22.76
N ARG C 256 -1.42 30.39 -21.65
CA ARG C 256 -0.47 29.34 -21.29
C ARG C 256 -0.55 29.11 -19.79
N GLY C 257 -0.79 27.86 -19.38
CA GLY C 257 -0.89 27.53 -17.98
C GLY C 257 -0.53 26.08 -17.70
N THR C 258 -0.85 25.57 -16.51
CA THR C 258 -0.54 24.20 -16.16
C THR C 258 -1.72 23.56 -15.44
N ILE C 259 -1.73 22.24 -15.42
CA ILE C 259 -2.78 21.47 -14.77
C ILE C 259 -2.42 21.27 -13.31
N LEU C 260 -3.41 21.46 -12.43
CA LEU C 260 -3.22 21.29 -10.99
C LEU C 260 -3.75 19.95 -10.49
N GLU C 261 -4.91 19.52 -10.99
CA GLU C 261 -5.51 18.25 -10.58
C GLU C 261 -6.56 17.86 -11.60
N VAL C 262 -6.97 16.59 -11.54
CA VAL C 262 -8.04 16.05 -12.38
C VAL C 262 -9.03 15.35 -11.47
N ARG C 263 -10.29 15.77 -11.51
CA ARG C 263 -11.31 15.21 -10.63
C ARG C 263 -12.65 15.17 -11.35
N GLU C 264 -13.54 14.33 -10.83
CA GLU C 264 -14.90 14.22 -11.35
C GLU C 264 -15.80 15.23 -10.66
N GLU C 265 -16.76 15.77 -11.42
CA GLU C 265 -17.70 16.73 -10.89
C GLU C 265 -19.13 16.31 -11.19
N PRO C 266 -20.08 16.68 -10.34
CA PRO C 266 -21.49 16.35 -10.60
C PRO C 266 -22.07 17.26 -11.65
N GLY C 267 -22.46 16.69 -12.79
CA GLY C 267 -23.14 17.41 -13.85
C GLY C 267 -22.25 17.98 -14.92
N LEU C 268 -20.93 18.09 -14.67
CA LEU C 268 -20.02 18.63 -15.66
C LEU C 268 -19.12 17.56 -16.29
N GLY C 269 -18.92 16.44 -15.62
CA GLY C 269 -18.07 15.38 -16.16
C GLY C 269 -16.64 15.48 -15.65
N HIS C 270 -15.69 15.12 -16.50
CA HIS C 270 -14.28 15.22 -16.14
C HIS C 270 -13.80 16.64 -16.39
N THR C 271 -13.52 17.37 -15.31
CA THR C 271 -13.04 18.74 -15.38
C THR C 271 -11.62 18.80 -14.84
N ILE C 272 -10.92 19.89 -15.13
CA ILE C 272 -9.56 20.09 -14.65
C ILE C 272 -9.45 21.49 -14.07
N ASP C 273 -8.77 21.60 -12.93
CA ASP C 273 -8.49 22.90 -12.32
C ASP C 273 -7.08 23.32 -12.69
N VAL C 274 -6.95 24.51 -13.29
CA VAL C 274 -5.69 24.96 -13.84
C VAL C 274 -5.41 26.37 -13.32
N ILE C 275 -4.15 26.76 -13.40
CA ILE C 275 -3.71 28.10 -13.05
C ILE C 275 -3.15 28.74 -14.32
N ILE C 276 -3.86 29.72 -14.86
CA ILE C 276 -3.44 30.43 -16.06
C ILE C 276 -2.52 31.56 -15.65
N TYR C 277 -1.34 31.62 -16.30
CA TYR C 277 -0.35 32.63 -15.98
C TYR C 277 0.21 33.35 -17.20
N ASP C 278 -0.14 32.95 -18.41
CA ASP C 278 0.28 33.68 -19.60
C ASP C 278 -0.92 33.91 -20.50
N GLY C 279 -0.96 35.09 -21.12
CA GLY C 279 -2.01 35.40 -22.07
C GLY C 279 -3.38 35.56 -21.43
N THR C 280 -4.39 35.51 -22.30
CA THR C 280 -5.78 35.63 -21.89
C THR C 280 -6.58 34.44 -22.43
N LEU C 281 -7.45 33.90 -21.59
CA LEU C 281 -8.25 32.73 -21.94
C LEU C 281 -9.71 33.13 -22.07
N HIS C 282 -10.29 32.86 -23.23
CA HIS C 282 -11.70 33.10 -23.49
C HIS C 282 -12.42 31.78 -23.73
N LYS C 283 -13.74 31.83 -23.73
CA LYS C 283 -14.54 30.65 -24.02
C LYS C 283 -14.40 30.26 -25.48
N ASP C 284 -14.63 28.97 -25.75
CA ASP C 284 -14.58 28.33 -27.06
C ASP C 284 -13.19 28.28 -27.66
N ASP C 285 -12.17 28.78 -26.96
CA ASP C 285 -10.80 28.67 -27.47
C ASP C 285 -10.33 27.22 -27.45
N THR C 286 -9.66 26.82 -28.53
CA THR C 286 -9.08 25.49 -28.60
C THR C 286 -7.80 25.45 -27.77
N ILE C 287 -7.64 24.37 -27.01
CA ILE C 287 -6.51 24.21 -26.12
C ILE C 287 -5.83 22.87 -26.40
N VAL C 288 -4.56 22.79 -26.02
CA VAL C 288 -3.75 21.59 -26.15
C VAL C 288 -3.24 21.21 -24.76
N VAL C 289 -3.49 19.96 -24.39
CA VAL C 289 -3.14 19.42 -23.07
C VAL C 289 -2.45 18.08 -23.27
N GLY C 290 -1.37 17.85 -22.52
CA GLY C 290 -0.67 16.60 -22.62
C GLY C 290 -1.36 15.46 -21.91
N GLY C 291 -1.89 14.51 -22.68
CA GLY C 291 -2.55 13.35 -22.12
C GLY C 291 -1.58 12.28 -21.69
N LYS C 292 -2.14 11.14 -21.27
CA LYS C 292 -1.32 10.03 -20.79
C LYS C 292 -0.49 9.43 -21.91
N ASP C 293 -1.12 9.14 -23.05
CA ASP C 293 -0.41 8.53 -24.18
C ASP C 293 0.05 9.57 -25.20
N LYS C 294 -0.77 10.58 -25.46
CA LYS C 294 -0.45 11.59 -26.44
C LYS C 294 -1.27 12.84 -26.14
N ALA C 295 -0.96 13.92 -26.87
CA ALA C 295 -1.66 15.17 -26.67
C ALA C 295 -3.12 15.05 -27.06
N ILE C 296 -3.98 15.82 -26.39
CA ILE C 296 -5.41 15.82 -26.64
C ILE C 296 -5.84 17.24 -26.99
N VAL C 297 -6.71 17.36 -27.98
CA VAL C 297 -7.19 18.65 -28.46
C VAL C 297 -8.70 18.71 -28.26
N THR C 298 -9.18 19.77 -27.61
CA THR C 298 -10.59 19.92 -27.33
C THR C 298 -10.92 21.42 -27.26
N LYS C 299 -12.22 21.71 -27.32
CA LYS C 299 -12.72 23.07 -27.25
C LYS C 299 -13.33 23.32 -25.88
N ILE C 300 -12.95 24.43 -25.25
CA ILE C 300 -13.44 24.74 -23.92
C ILE C 300 -14.95 24.95 -23.96
N ARG C 301 -15.66 24.33 -23.03
CA ARG C 301 -17.10 24.48 -22.91
C ARG C 301 -17.53 25.30 -21.72
N ALA C 302 -16.96 25.05 -20.54
CA ALA C 302 -17.36 25.77 -19.33
C ALA C 302 -16.14 26.30 -18.60
N LEU C 303 -16.17 27.59 -18.26
CA LEU C 303 -15.13 28.24 -17.48
C LEU C 303 -15.73 28.67 -16.14
N LEU C 304 -15.21 28.12 -15.05
CA LEU C 304 -15.78 28.32 -13.73
C LEU C 304 -14.73 28.98 -12.84
N LYS C 305 -15.15 29.94 -12.03
CA LYS C 305 -14.25 30.77 -11.24
C LYS C 305 -14.65 30.73 -9.77
N PRO C 306 -13.70 30.52 -8.87
CA PRO C 306 -14.02 30.54 -7.44
C PRO C 306 -14.30 31.95 -6.95
N LYS C 307 -15.02 32.01 -5.83
CA LYS C 307 -15.29 33.28 -5.18
C LYS C 307 -14.01 33.85 -4.57
N PRO C 308 -13.86 35.17 -4.55
CA PRO C 308 -12.67 35.77 -3.93
C PRO C 308 -12.56 35.41 -2.46
N LEU C 309 -11.33 35.22 -2.00
CA LEU C 309 -11.04 34.86 -0.61
C LEU C 309 -11.75 33.57 -0.20
N ASP C 310 -11.60 32.54 -1.04
CA ASP C 310 -12.23 31.25 -0.78
C ASP C 310 -11.33 30.14 -1.31
N GLU C 311 -11.20 29.07 -0.53
CA GLU C 311 -10.40 27.92 -0.94
C GLU C 311 -11.07 27.23 -2.13
N ILE C 312 -10.27 26.89 -3.13
CA ILE C 312 -10.83 26.33 -4.37
C ILE C 312 -11.37 24.92 -4.12
N ARG C 313 -10.71 24.15 -3.26
CA ARG C 313 -11.16 22.79 -2.96
C ARG C 313 -12.28 22.76 -1.94
N ASP C 314 -12.63 23.91 -1.35
CA ASP C 314 -13.73 24.02 -0.39
C ASP C 314 -14.76 25.00 -0.95
N PRO C 315 -15.75 24.53 -1.71
CA PRO C 315 -16.74 25.44 -2.29
C PRO C 315 -17.79 25.90 -1.27
N ARG C 316 -17.34 26.76 -0.35
CA ARG C 316 -18.26 27.35 0.61
C ARG C 316 -19.29 28.24 -0.08
N PHE C 317 -18.84 29.05 -1.04
CA PHE C 317 -19.71 29.92 -1.81
C PHE C 317 -19.88 29.37 -3.22
N ARG C 318 -20.98 29.75 -3.86
CA ARG C 318 -21.26 29.29 -5.21
C ARG C 318 -20.28 29.83 -6.25
N PHE C 319 -19.79 28.93 -7.10
CA PHE C 319 -18.85 29.28 -8.15
C PHE C 319 -19.54 30.20 -9.15
N ASP C 320 -18.79 31.15 -9.70
CA ASP C 320 -19.36 32.06 -10.67
C ASP C 320 -18.85 31.71 -12.06
N TYR C 321 -19.78 31.46 -12.97
CA TYR C 321 -19.43 31.14 -14.34
C TYR C 321 -18.84 32.38 -14.98
N VAL C 322 -17.84 32.21 -15.84
CA VAL C 322 -17.22 33.39 -16.42
C VAL C 322 -16.88 33.13 -17.89
N ASP C 323 -17.17 34.11 -18.74
CA ASP C 323 -16.91 33.97 -20.16
C ASP C 323 -15.42 33.90 -20.46
N GLU C 324 -14.61 34.76 -19.84
CA GLU C 324 -13.19 34.81 -20.12
C GLU C 324 -12.44 35.23 -18.88
N VAL C 325 -11.19 34.76 -18.77
CA VAL C 325 -10.34 35.05 -17.63
C VAL C 325 -8.99 35.54 -18.14
N THR C 326 -8.29 36.26 -17.27
CA THR C 326 -6.99 36.86 -17.60
C THR C 326 -5.96 36.43 -16.57
N ALA C 327 -4.73 36.20 -17.04
CA ALA C 327 -3.65 35.80 -16.17
C ALA C 327 -3.40 36.84 -15.09
N ALA C 328 -3.12 36.38 -13.87
CA ALA C 328 -3.02 34.96 -13.56
C ALA C 328 -4.13 34.57 -12.58
N ALA C 329 -4.79 33.45 -12.85
CA ALA C 329 -5.91 33.06 -11.99
C ALA C 329 -6.12 31.55 -12.06
N GLY C 330 -6.75 31.01 -11.02
CA GLY C 330 -7.07 29.59 -10.97
C GLY C 330 -8.53 29.38 -11.33
N VAL C 331 -8.74 28.60 -12.39
CA VAL C 331 -10.08 28.39 -12.94
C VAL C 331 -10.29 26.91 -13.20
N LYS C 332 -11.57 26.51 -13.22
CA LYS C 332 -11.97 25.14 -13.54
C LYS C 332 -12.47 25.10 -14.98
N ILE C 333 -11.89 24.21 -15.78
CA ILE C 333 -12.22 24.05 -17.18
C ILE C 333 -12.99 22.75 -17.33
N ALA C 334 -14.16 22.83 -17.96
CA ALA C 334 -14.97 21.66 -18.30
C ALA C 334 -15.03 21.58 -19.82
N ALA C 335 -14.39 20.56 -20.38
CA ALA C 335 -14.33 20.31 -21.80
C ALA C 335 -14.46 18.82 -22.05
N PRO C 336 -14.99 18.42 -23.21
CA PRO C 336 -15.15 16.99 -23.49
C PRO C 336 -13.83 16.27 -23.63
N GLY C 337 -13.83 15.00 -23.26
CA GLY C 337 -12.68 14.13 -23.46
C GLY C 337 -11.44 14.51 -22.67
N LEU C 338 -11.60 14.84 -21.39
CA LEU C 338 -10.48 15.15 -20.52
C LEU C 338 -10.20 14.06 -19.50
N GLU C 339 -10.77 12.87 -19.69
CA GLU C 339 -10.58 11.79 -18.72
C GLU C 339 -9.19 11.17 -18.79
N GLU C 340 -8.40 11.48 -19.81
CA GLU C 340 -7.04 10.97 -19.93
C GLU C 340 -6.01 12.09 -19.78
N ALA C 341 -6.38 13.17 -19.10
CA ALA C 341 -5.46 14.27 -18.86
C ALA C 341 -4.47 13.89 -17.76
N LEU C 342 -3.24 14.39 -17.91
CA LEU C 342 -2.16 14.11 -16.96
C LEU C 342 -1.98 15.30 -16.03
N ALA C 343 -1.96 15.05 -14.73
CA ALA C 343 -1.71 16.11 -13.76
C ALA C 343 -0.31 16.67 -13.96
N GLY C 344 -0.20 17.99 -13.90
CA GLY C 344 1.07 18.67 -14.08
C GLY C 344 1.42 18.96 -15.53
N SER C 345 0.64 18.47 -16.48
CA SER C 345 0.91 18.76 -17.88
C SER C 345 0.48 20.19 -18.22
N PRO C 346 1.26 20.89 -19.04
CA PRO C 346 0.89 22.27 -19.40
C PRO C 346 -0.26 22.31 -20.40
N VAL C 347 -0.93 23.45 -20.42
CA VAL C 347 -2.04 23.73 -21.32
C VAL C 347 -1.68 24.96 -22.16
N ILE C 348 -1.82 24.84 -23.48
CA ILE C 348 -1.42 25.89 -24.40
C ILE C 348 -2.60 26.21 -25.32
N ALA C 349 -2.89 27.50 -25.48
CA ALA C 349 -3.96 27.92 -26.37
C ALA C 349 -3.48 27.89 -27.82
N ALA C 350 -4.30 27.34 -28.72
CA ALA C 350 -3.95 27.23 -30.12
C ALA C 350 -5.16 27.44 -31.02
N PRO C 351 -5.26 28.57 -31.71
CA PRO C 351 -6.45 28.84 -32.53
C PRO C 351 -6.35 28.32 -33.96
N THR C 352 -5.16 27.95 -34.40
CA THR C 352 -4.91 27.53 -35.77
C THR C 352 -4.22 26.18 -35.79
N PRO C 353 -4.36 25.42 -36.89
CA PRO C 353 -3.70 24.10 -36.95
C PRO C 353 -2.18 24.17 -36.80
N GLU C 354 -1.55 25.21 -37.33
CA GLU C 354 -0.10 25.36 -37.12
C GLU C 354 0.21 25.60 -35.66
N ASP C 355 -0.62 26.41 -34.99
CA ASP C 355 -0.47 26.59 -33.54
C ASP C 355 -0.70 25.28 -32.80
N VAL C 356 -1.65 24.47 -33.29
CA VAL C 356 -1.90 23.16 -32.68
C VAL C 356 -0.66 22.28 -32.81
N GLU C 357 -0.03 22.28 -33.98
CA GLU C 357 1.17 21.46 -34.18
C GLU C 357 2.32 21.95 -33.31
N LYS C 358 2.49 23.28 -33.21
CA LYS C 358 3.54 23.81 -32.33
C LYS C 358 3.29 23.44 -30.88
N ALA C 359 2.03 23.50 -30.44
CA ALA C 359 1.70 23.09 -29.08
C ALA C 359 1.96 21.60 -28.88
N LYS C 360 1.64 20.78 -29.88
CA LYS C 360 1.90 19.35 -29.77
C LYS C 360 3.39 19.07 -29.65
N GLN C 361 4.21 19.79 -30.43
CA GLN C 361 5.66 19.62 -30.34
C GLN C 361 6.17 20.09 -28.98
N GLU C 362 5.60 21.17 -28.45
CA GLU C 362 5.99 21.63 -27.11
C GLU C 362 5.63 20.60 -26.04
N ILE C 363 4.45 19.97 -26.17
CA ILE C 363 4.02 18.96 -25.22
C ILE C 363 4.91 17.73 -25.32
N LEU C 364 5.36 17.39 -26.53
CA LEU C 364 6.22 16.22 -26.69
C LEU C 364 7.49 16.34 -25.86
N GLU C 365 7.91 17.57 -25.54
CA GLU C 365 9.03 17.78 -24.62
C GLU C 365 8.44 17.95 -23.23
N GLN C 366 7.93 16.86 -22.68
CA GLN C 366 7.41 16.83 -21.32
C GLN C 366 7.51 15.42 -20.79
N ILE C 367 7.91 15.29 -19.52
CA ILE C 367 8.18 14.01 -18.91
C ILE C 367 7.05 13.67 -17.94
N GLU C 368 6.77 12.37 -17.82
CA GLU C 368 5.82 11.86 -16.84
C GLU C 368 6.59 11.62 -15.55
N ARG C 369 6.37 12.49 -14.56
CA ARG C 369 7.13 12.41 -13.32
C ARG C 369 6.88 11.10 -12.57
N VAL C 370 5.63 10.66 -12.51
CA VAL C 370 5.26 9.46 -11.78
C VAL C 370 4.53 8.52 -12.73
N VAL C 371 4.97 7.26 -12.77
CA VAL C 371 4.33 6.21 -13.56
C VAL C 371 4.00 5.06 -12.62
N ILE C 372 2.77 4.53 -12.73
CA ILE C 372 2.36 3.43 -11.88
C ILE C 372 2.78 2.11 -12.53
N SER C 373 3.19 1.16 -11.70
CA SER C 373 3.59 -0.17 -12.17
C SER C 373 2.52 -1.17 -11.76
N THR C 374 1.80 -1.71 -12.74
CA THR C 374 0.75 -2.69 -12.52
C THR C 374 1.27 -4.08 -12.87
N ASP C 375 0.94 -5.05 -12.02
CA ASP C 375 1.40 -6.42 -12.20
C ASP C 375 0.37 -7.32 -12.87
N LYS C 376 -0.77 -6.75 -13.26
CA LYS C 376 -1.91 -7.45 -13.89
C LYS C 376 -2.59 -8.47 -12.97
N VAL C 377 -1.93 -8.83 -11.87
CA VAL C 377 -2.51 -9.73 -10.88
C VAL C 377 -2.42 -8.99 -9.55
N GLY C 378 -3.50 -8.33 -9.16
CA GLY C 378 -3.44 -7.52 -7.95
C GLY C 378 -4.82 -7.02 -7.56
N VAL C 379 -4.81 -6.05 -6.64
CA VAL C 379 -6.05 -5.50 -6.12
C VAL C 379 -6.54 -4.37 -7.02
N ILE C 380 -7.80 -4.00 -6.83
CA ILE C 380 -8.43 -2.88 -7.54
C ILE C 380 -8.61 -1.72 -6.57
N VAL C 381 -8.08 -0.56 -6.92
CA VAL C 381 -8.17 0.63 -6.08
C VAL C 381 -8.71 1.78 -6.91
N LYS C 382 -9.65 2.52 -6.35
CA LYS C 382 -10.25 3.67 -7.02
C LYS C 382 -10.31 4.85 -6.06
N ALA C 383 -9.95 6.02 -6.56
CA ALA C 383 -10.00 7.27 -5.80
C ALA C 383 -10.79 8.31 -6.58
N ASP C 384 -10.84 9.52 -6.04
CA ASP C 384 -11.57 10.61 -6.70
C ASP C 384 -10.67 11.54 -7.50
N THR C 385 -9.36 11.55 -7.24
CA THR C 385 -8.42 12.37 -7.99
C THR C 385 -7.19 11.54 -8.32
N LEU C 386 -6.33 12.09 -9.19
CA LEU C 386 -5.12 11.39 -9.57
C LEU C 386 -4.07 11.43 -8.47
N GLY C 387 -3.98 12.53 -7.73
CA GLY C 387 -2.99 12.63 -6.68
C GLY C 387 -3.23 11.65 -5.55
N SER C 388 -4.48 11.49 -5.13
CA SER C 388 -4.80 10.50 -4.12
C SER C 388 -4.47 9.09 -4.60
N LEU C 389 -4.74 8.82 -5.88
CA LEU C 389 -4.39 7.53 -6.45
C LEU C 389 -2.88 7.30 -6.43
N GLU C 390 -2.11 8.33 -6.76
CA GLU C 390 -0.65 8.21 -6.73
C GLU C 390 -0.15 7.94 -5.31
N ALA C 391 -0.69 8.67 -4.34
CA ALA C 391 -0.27 8.47 -2.95
C ALA C 391 -0.61 7.06 -2.47
N LEU C 392 -1.82 6.60 -2.77
CA LEU C 392 -2.23 5.26 -2.37
C LEU C 392 -1.38 4.20 -3.04
N SER C 393 -1.08 4.40 -4.33
CA SER C 393 -0.24 3.44 -5.04
C SER C 393 1.15 3.37 -4.44
N LYS C 394 1.74 4.52 -4.11
CA LYS C 394 3.06 4.52 -3.48
C LYS C 394 3.03 3.84 -2.12
N GLU C 395 2.00 4.11 -1.33
CA GLU C 395 1.93 3.48 -0.01
C GLU C 395 1.73 1.98 -0.10
N LEU C 396 0.93 1.50 -1.07
CA LEU C 396 0.78 0.06 -1.26
C LEU C 396 2.06 -0.56 -1.77
N GLN C 397 2.76 0.11 -2.70
CA GLN C 397 4.02 -0.40 -3.20
C GLN C 397 5.10 -0.45 -2.13
N GLU C 398 5.02 0.42 -1.12
CA GLU C 398 5.97 0.39 -0.02
C GLU C 398 5.87 -0.90 0.80
N LYS C 399 4.78 -1.64 0.68
CA LYS C 399 4.56 -2.84 1.49
C LYS C 399 4.50 -4.11 0.64
N GLU C 400 4.97 -4.04 -0.62
CA GLU C 400 5.06 -5.20 -1.51
C GLU C 400 3.69 -5.82 -1.74
N ILE C 401 2.81 -5.03 -2.36
CA ILE C 401 1.47 -5.46 -2.73
C ILE C 401 1.24 -5.15 -4.19
N PRO C 402 1.05 -6.14 -5.06
CA PRO C 402 0.77 -5.85 -6.46
C PRO C 402 -0.52 -5.09 -6.73
N ILE C 403 -0.53 -4.29 -7.79
CA ILE C 403 -1.71 -3.48 -8.13
C ILE C 403 -2.22 -3.72 -9.55
N ARG C 404 -3.34 -4.42 -9.67
CA ARG C 404 -3.93 -4.73 -10.97
C ARG C 404 -4.43 -3.54 -11.81
N LYS C 405 -5.08 -2.57 -11.17
CA LYS C 405 -5.63 -1.42 -11.91
C LYS C 405 -5.89 -0.20 -11.03
N ALA C 406 -5.56 0.99 -11.55
CA ALA C 406 -5.78 2.24 -10.84
C ALA C 406 -6.42 3.22 -11.80
N ASP C 407 -7.52 3.83 -11.38
CA ASP C 407 -8.22 4.82 -12.20
C ASP C 407 -9.06 5.70 -11.30
N VAL C 408 -9.71 6.70 -11.91
CA VAL C 408 -10.52 7.67 -11.19
C VAL C 408 -11.99 7.37 -11.42
N GLY C 409 -12.75 7.31 -10.33
CA GLY C 409 -14.19 7.12 -10.43
C GLY C 409 -14.81 6.33 -9.29
N ASN C 410 -16.13 6.23 -9.30
CA ASN C 410 -16.85 5.47 -8.29
C ASN C 410 -16.78 3.99 -8.58
N VAL C 411 -17.07 3.18 -7.55
CA VAL C 411 -16.97 1.73 -7.65
C VAL C 411 -18.16 1.24 -8.48
N SER C 412 -17.88 0.73 -9.68
CA SER C 412 -18.91 0.28 -10.60
C SER C 412 -19.08 -1.24 -10.48
N LYS C 413 -19.98 -1.78 -11.32
CA LYS C 413 -20.27 -3.21 -11.28
C LYS C 413 -19.14 -4.02 -11.91
N THR C 414 -18.58 -3.52 -13.02
CA THR C 414 -17.51 -4.26 -13.69
C THR C 414 -16.28 -4.42 -12.81
N ASP C 415 -16.06 -3.47 -11.89
CA ASP C 415 -14.96 -3.59 -10.95
C ASP C 415 -15.13 -4.82 -10.07
N VAL C 416 -16.35 -5.09 -9.62
CA VAL C 416 -16.60 -6.28 -8.80
C VAL C 416 -16.39 -7.54 -9.63
N MET C 417 -16.77 -7.51 -10.91
CA MET C 417 -16.53 -8.66 -11.77
C MET C 417 -15.04 -8.95 -11.93
N GLU C 418 -14.27 -7.88 -12.13
CA GLU C 418 -12.81 -8.00 -12.26
C GLU C 418 -12.22 -8.53 -10.96
N ALA C 419 -12.70 -8.03 -9.82
CA ALA C 419 -12.23 -8.47 -8.53
C ALA C 419 -12.52 -9.95 -8.32
N LEU C 420 -13.71 -10.40 -8.73
CA LEU C 420 -14.03 -11.83 -8.62
C LEU C 420 -13.15 -12.66 -9.54
N SER C 421 -12.85 -12.16 -10.73
CA SER C 421 -11.97 -12.90 -11.64
C SER C 421 -10.58 -13.06 -11.03
N VAL C 422 -10.05 -12.00 -10.41
CA VAL C 422 -8.75 -12.10 -9.76
C VAL C 422 -8.82 -13.03 -8.54
N LYS C 423 -9.91 -12.94 -7.78
CA LYS C 423 -10.07 -13.77 -6.58
C LYS C 423 -10.18 -15.25 -6.93
N GLU C 424 -10.65 -15.56 -8.14
CA GLU C 424 -10.82 -16.95 -8.55
C GLU C 424 -9.55 -17.78 -8.32
N GLU C 425 -8.39 -17.20 -8.62
CA GLU C 425 -7.12 -17.90 -8.47
C GLU C 425 -6.24 -17.32 -7.37
N GLU C 426 -6.69 -16.28 -6.67
CA GLU C 426 -5.90 -15.67 -5.59
C GLU C 426 -6.87 -15.08 -4.57
N PRO C 427 -7.13 -15.81 -3.48
CA PRO C 427 -8.10 -15.31 -2.49
C PRO C 427 -7.72 -13.98 -1.85
N LYS C 428 -6.44 -13.75 -1.60
CA LYS C 428 -6.01 -12.58 -0.84
C LYS C 428 -5.87 -11.32 -1.68
N TYR C 429 -5.90 -11.42 -3.00
CA TYR C 429 -5.72 -10.26 -3.87
C TYR C 429 -7.01 -9.80 -4.54
N GLY C 430 -8.12 -10.45 -4.28
CA GLY C 430 -9.40 -9.96 -4.77
C GLY C 430 -10.10 -9.10 -3.74
N VAL C 431 -9.94 -7.79 -3.84
CA VAL C 431 -10.53 -6.86 -2.88
C VAL C 431 -10.51 -5.48 -3.51
N ILE C 432 -11.37 -4.59 -3.03
CA ILE C 432 -11.49 -3.23 -3.54
C ILE C 432 -11.24 -2.27 -2.39
N LEU C 433 -10.39 -1.27 -2.64
CA LEU C 433 -10.06 -0.23 -1.66
C LEU C 433 -10.51 1.12 -2.23
N GLY C 434 -11.64 1.63 -1.74
CA GLY C 434 -12.17 2.89 -2.18
C GLY C 434 -11.78 4.01 -1.24
N PHE C 435 -11.19 5.06 -1.79
CA PHE C 435 -10.72 6.21 -1.03
C PHE C 435 -11.57 7.42 -1.41
N ASN C 436 -12.51 7.77 -0.54
CA ASN C 436 -13.40 8.92 -0.74
C ASN C 436 -14.18 8.80 -2.06
N VAL C 437 -14.84 7.66 -2.23
CA VAL C 437 -15.70 7.42 -3.38
C VAL C 437 -17.03 6.87 -2.88
N LYS C 438 -17.92 6.60 -3.84
CA LYS C 438 -19.26 6.11 -3.54
C LYS C 438 -19.49 4.77 -4.22
N VAL C 439 -20.30 3.93 -3.57
CA VAL C 439 -20.60 2.58 -4.04
C VAL C 439 -22.04 2.55 -4.54
N ASN C 440 -22.22 2.07 -5.77
CA ASN C 440 -23.54 2.05 -6.39
C ASN C 440 -24.38 0.91 -5.81
N GLU C 441 -25.69 0.99 -6.06
CA GLU C 441 -26.62 -0.02 -5.54
C GLU C 441 -26.37 -1.38 -6.18
N ASP C 442 -26.27 -1.42 -7.51
CA ASP C 442 -26.04 -2.69 -8.19
C ASP C 442 -24.69 -3.28 -7.80
N ALA C 443 -23.66 -2.42 -7.66
CA ALA C 443 -22.34 -2.90 -7.29
C ALA C 443 -22.35 -3.55 -5.90
N GLU C 444 -22.98 -2.87 -4.93
CA GLU C 444 -23.02 -3.44 -3.58
C GLU C 444 -23.87 -4.69 -3.52
N GLU C 445 -24.96 -4.74 -4.31
CA GLU C 445 -25.78 -5.94 -4.34
C GLU C 445 -25.00 -7.13 -4.91
N VAL C 446 -24.27 -6.90 -6.00
CA VAL C 446 -23.47 -7.97 -6.59
C VAL C 446 -22.37 -8.40 -5.64
N ALA C 447 -21.72 -7.44 -4.96
CA ALA C 447 -20.67 -7.79 -4.00
C ALA C 447 -21.22 -8.61 -2.85
N LYS C 448 -22.40 -8.26 -2.34
CA LYS C 448 -23.00 -9.05 -1.28
C LYS C 448 -23.38 -10.44 -1.77
N ALA C 449 -23.91 -10.53 -2.99
CA ALA C 449 -24.31 -11.83 -3.53
C ALA C 449 -23.12 -12.77 -3.72
N LYS C 450 -22.04 -12.26 -4.32
CA LYS C 450 -20.87 -13.06 -4.63
C LYS C 450 -19.82 -13.03 -3.52
N ASP C 451 -20.08 -12.33 -2.42
CA ASP C 451 -19.20 -12.29 -1.25
C ASP C 451 -17.80 -11.78 -1.63
N VAL C 452 -17.77 -10.51 -2.03
CA VAL C 452 -16.54 -9.78 -2.31
C VAL C 452 -16.43 -8.64 -1.32
N LYS C 453 -15.25 -8.48 -0.73
CA LYS C 453 -15.04 -7.49 0.33
C LYS C 453 -14.62 -6.15 -0.25
N ILE C 454 -15.17 -5.08 0.31
CA ILE C 454 -14.90 -3.71 -0.12
C ILE C 454 -14.58 -2.88 1.11
N PHE C 455 -13.48 -2.12 1.06
CA PHE C 455 -13.07 -1.26 2.15
C PHE C 455 -13.16 0.19 1.68
N VAL C 456 -14.14 0.93 2.18
CA VAL C 456 -14.31 2.33 1.85
C VAL C 456 -13.75 3.18 2.97
N GLY C 457 -13.20 4.33 2.61
CA GLY C 457 -12.64 5.19 3.65
C GLY C 457 -12.32 6.57 3.12
N ASN C 458 -11.87 7.42 4.04
CA ASN C 458 -11.45 8.78 3.73
C ASN C 458 -10.02 9.09 4.15
N VAL C 459 -9.36 8.23 4.91
CA VAL C 459 -8.02 8.45 5.41
C VAL C 459 -7.14 7.32 4.93
N ILE C 460 -5.96 7.67 4.40
CA ILE C 460 -5.13 6.68 3.71
C ILE C 460 -4.67 5.58 4.65
N TYR C 461 -4.15 5.95 5.83
CA TYR C 461 -3.66 4.93 6.75
C TYR C 461 -4.81 4.18 7.42
N LYS C 462 -5.88 4.91 7.76
CA LYS C 462 -7.05 4.26 8.34
C LYS C 462 -7.70 3.28 7.37
N LEU C 463 -7.45 3.43 6.08
CA LEU C 463 -7.98 2.51 5.08
C LEU C 463 -7.02 1.36 4.80
N ILE C 464 -5.71 1.62 4.78
CA ILE C 464 -4.75 0.56 4.51
C ILE C 464 -4.65 -0.40 5.69
N GLU C 465 -4.65 0.13 6.92
CA GLU C 465 -4.52 -0.73 8.09
C GLU C 465 -5.70 -1.68 8.23
N ASP C 466 -6.90 -1.24 7.84
CA ASP C 466 -8.05 -2.14 7.88
C ASP C 466 -7.86 -3.33 6.95
N TYR C 467 -7.38 -3.09 5.74
CA TYR C 467 -7.10 -4.18 4.81
C TYR C 467 -6.02 -5.10 5.36
N GLU C 468 -4.96 -4.53 5.94
CA GLU C 468 -3.89 -5.35 6.50
C GLU C 468 -4.42 -6.25 7.60
N GLU C 469 -5.22 -5.70 8.52
CA GLU C 469 -5.70 -6.50 9.64
C GLU C 469 -6.71 -7.53 9.18
N TRP C 470 -7.53 -7.22 8.17
CA TRP C 470 -8.43 -8.24 7.65
C TRP C 470 -7.66 -9.37 6.99
N VAL C 471 -6.59 -9.05 6.25
CA VAL C 471 -5.76 -10.09 5.65
C VAL C 471 -5.15 -10.96 6.74
N LYS C 472 -4.67 -10.34 7.81
CA LYS C 472 -4.08 -11.11 8.92
C LYS C 472 -5.12 -12.01 9.57
N GLU C 473 -6.35 -11.50 9.76
CA GLU C 473 -7.40 -12.32 10.35
C GLU C 473 -7.76 -13.50 9.46
N GLU C 474 -7.83 -13.28 8.15
CA GLU C 474 -8.08 -14.39 7.23
C GLU C 474 -6.94 -15.40 7.30
N GLU C 475 -5.70 -14.92 7.37
CA GLU C 475 -4.56 -15.82 7.47
C GLU C 475 -4.62 -16.68 8.72
N GLU C 476 -4.96 -16.08 9.86
CA GLU C 476 -5.01 -16.86 11.09
C GLU C 476 -6.21 -17.82 11.09
N LYS C 477 -7.33 -17.40 10.49
CA LYS C 477 -8.48 -18.28 10.38
C LYS C 477 -8.22 -19.44 9.42
N LYS C 478 -7.29 -19.28 8.48
CA LYS C 478 -6.94 -20.37 7.59
C LYS C 478 -6.40 -21.57 8.37
N LYS C 479 -5.54 -21.33 9.35
CA LYS C 479 -4.95 -22.41 10.14
C LYS C 479 -5.65 -22.64 11.47
N ARG C 480 -6.60 -21.79 11.86
CA ARG C 480 -7.32 -22.03 13.11
C ARG C 480 -8.10 -23.33 13.06
N GLU C 481 -8.78 -23.60 11.95
CA GLU C 481 -9.52 -24.84 11.79
C GLU C 481 -8.67 -25.97 11.22
N LEU C 482 -7.44 -25.67 10.78
CA LEU C 482 -6.55 -26.70 10.28
C LEU C 482 -5.97 -27.55 11.40
N LEU C 483 -5.80 -26.97 12.59
CA LEU C 483 -5.19 -27.70 13.70
C LEU C 483 -6.05 -28.88 14.14
N SER C 484 -7.37 -28.70 14.18
CA SER C 484 -8.26 -29.78 14.63
C SER C 484 -8.25 -30.99 13.71
N LYS C 485 -7.95 -30.80 12.42
CA LYS C 485 -7.97 -31.91 11.47
C LYS C 485 -6.80 -32.87 11.67
N VAL C 486 -5.60 -32.36 11.90
CA VAL C 486 -4.44 -33.22 12.03
C VAL C 486 -4.46 -33.94 13.38
N THR C 487 -3.69 -35.01 13.47
CA THR C 487 -3.58 -35.81 14.68
C THR C 487 -2.12 -35.79 15.16
N PHE C 488 -1.93 -35.48 16.44
CA PHE C 488 -0.58 -35.38 16.98
C PHE C 488 0.09 -36.76 17.02
N PRO C 489 1.39 -36.81 16.78
CA PRO C 489 2.12 -38.09 16.88
C PRO C 489 2.27 -38.52 18.33
N GLY C 490 2.54 -39.81 18.51
CA GLY C 490 2.71 -40.36 19.84
C GLY C 490 3.30 -41.76 19.85
N VAL C 491 4.26 -42.00 20.74
CA VAL C 491 4.88 -43.32 20.90
C VAL C 491 4.94 -43.64 22.38
N ILE C 492 4.47 -44.85 22.73
CA ILE C 492 4.32 -45.29 24.11
C ILE C 492 4.88 -46.70 24.24
N ARG C 493 5.05 -47.16 25.48
CA ARG C 493 5.54 -48.50 25.74
C ARG C 493 4.75 -49.10 26.89
N LEU C 494 4.26 -50.33 26.70
CA LEU C 494 3.51 -51.01 27.73
C LEU C 494 4.41 -51.37 28.91
N TYR C 495 3.86 -51.27 30.11
CA TYR C 495 4.59 -51.69 31.29
C TYR C 495 4.87 -53.19 31.23
N PRO C 496 6.06 -53.63 31.62
CA PRO C 496 6.29 -55.08 31.76
C PRO C 496 5.71 -55.62 33.05
N ASP C 497 4.87 -54.82 33.69
CA ASP C 497 4.28 -55.15 34.99
C ASP C 497 2.90 -55.76 34.78
N GLU C 498 2.65 -56.89 35.45
CA GLU C 498 1.35 -57.54 35.38
C GLU C 498 0.25 -56.71 36.03
N ARG C 499 0.61 -55.86 36.99
CA ARG C 499 -0.38 -55.15 37.79
C ARG C 499 -1.25 -54.24 36.93
N TYR C 500 -0.64 -53.54 35.97
CA TYR C 500 -1.37 -52.52 35.21
C TYR C 500 -2.50 -53.11 34.37
N VAL C 501 -2.46 -54.39 34.06
CA VAL C 501 -3.53 -55.02 33.27
C VAL C 501 -4.72 -55.26 34.19
N PHE C 502 -5.84 -54.60 33.90
CA PHE C 502 -7.05 -54.74 34.72
C PHE C 502 -8.21 -55.39 33.99
N ARG C 503 -8.17 -55.48 32.67
CA ARG C 503 -9.16 -56.24 31.91
C ARG C 503 -8.52 -56.63 30.58
N ARG C 504 -8.85 -57.84 30.13
CA ARG C 504 -8.18 -58.43 28.99
C ARG C 504 -8.81 -58.07 27.65
N SER C 505 -10.12 -58.30 27.50
CA SER C 505 -10.79 -58.08 26.23
C SER C 505 -12.17 -57.49 26.47
N ASN C 506 -12.58 -56.62 25.55
CA ASN C 506 -13.88 -55.96 25.55
C ASN C 506 -14.19 -55.31 26.89
N PRO C 507 -13.49 -54.23 27.26
CA PRO C 507 -12.36 -53.64 26.55
C PRO C 507 -11.02 -54.12 27.12
N ALA C 508 -9.92 -53.75 26.47
CA ALA C 508 -8.59 -54.03 27.00
C ALA C 508 -8.17 -52.84 27.85
N ILE C 509 -8.02 -53.06 29.16
CA ILE C 509 -7.70 -52.01 30.11
C ILE C 509 -6.30 -52.26 30.63
N VAL C 510 -5.37 -51.35 30.30
CA VAL C 510 -3.98 -51.54 30.69
C VAL C 510 -3.34 -50.17 30.88
N GLY C 511 -2.46 -50.06 31.89
CA GLY C 511 -1.76 -48.82 32.12
C GLY C 511 -0.68 -48.57 31.08
N ILE C 512 -0.28 -47.30 30.97
CA ILE C 512 0.72 -46.90 30.00
C ILE C 512 1.44 -45.65 30.51
N GLU C 513 2.72 -45.56 30.17
CA GLU C 513 3.51 -44.35 30.33
C GLU C 513 3.87 -43.82 28.94
N VAL C 514 3.87 -42.50 28.80
CA VAL C 514 4.12 -41.88 27.50
C VAL C 514 5.62 -41.72 27.31
N ILE C 515 6.13 -42.19 26.17
CA ILE C 515 7.53 -41.93 25.82
C ILE C 515 7.65 -40.60 25.10
N GLU C 516 6.87 -40.40 24.04
CA GLU C 516 6.93 -39.16 23.28
C GLU C 516 5.56 -38.86 22.69
N GLY C 517 5.32 -37.58 22.41
CA GLY C 517 4.08 -37.18 21.79
C GLY C 517 2.94 -37.02 22.79
N ARG C 518 1.74 -36.92 22.24
CA ARG C 518 0.52 -36.70 23.02
C ARG C 518 -0.52 -37.74 22.65
N ILE C 519 -1.15 -38.34 23.65
CA ILE C 519 -2.22 -39.31 23.43
C ILE C 519 -3.56 -38.60 23.45
N LYS C 520 -4.41 -38.92 22.48
CA LYS C 520 -5.76 -38.39 22.40
C LYS C 520 -6.75 -39.53 22.19
N PRO C 521 -7.99 -39.37 22.66
CA PRO C 521 -9.00 -40.38 22.39
C PRO C 521 -9.34 -40.44 20.91
N GLY C 522 -9.80 -41.62 20.49
CA GLY C 522 -10.16 -41.83 19.10
C GLY C 522 -9.01 -41.77 18.14
N VAL C 523 -7.85 -42.30 18.52
CA VAL C 523 -6.67 -42.33 17.66
C VAL C 523 -6.24 -43.79 17.51
N THR C 524 -6.01 -44.21 16.27
CA THR C 524 -5.61 -45.59 15.99
C THR C 524 -4.15 -45.81 16.35
N LEU C 525 -3.87 -47.00 16.89
CA LEU C 525 -2.52 -47.41 17.25
C LEU C 525 -2.09 -48.58 16.37
N ILE C 526 -0.80 -48.58 15.98
CA ILE C 526 -0.24 -49.63 15.16
C ILE C 526 1.13 -50.02 15.71
N LYS C 527 1.56 -51.23 15.34
CA LYS C 527 2.85 -51.75 15.74
C LYS C 527 3.86 -51.50 14.63
N GLN C 528 5.05 -52.10 14.76
CA GLN C 528 6.06 -52.01 13.71
C GLN C 528 5.56 -52.66 12.43
N ASN C 529 4.90 -53.82 12.54
CA ASN C 529 4.34 -54.48 11.38
C ASN C 529 2.98 -53.92 10.97
N GLY C 530 2.40 -53.01 11.76
CA GLY C 530 1.23 -52.27 11.35
C GLY C 530 -0.11 -52.93 11.58
N GLN C 531 -0.19 -53.92 12.48
CA GLN C 531 -1.48 -54.53 12.77
C GLN C 531 -2.40 -53.53 13.44
N LYS C 532 -3.67 -53.55 13.05
CA LYS C 532 -4.68 -52.66 13.61
C LYS C 532 -5.10 -53.20 14.97
N VAL C 533 -4.49 -52.66 16.04
CA VAL C 533 -4.91 -53.05 17.38
C VAL C 533 -6.23 -52.42 17.78
N GLY C 534 -6.75 -51.50 16.98
CA GLY C 534 -8.03 -50.88 17.26
C GLY C 534 -7.94 -49.38 17.43
N VAL C 535 -8.93 -48.80 18.10
CA VAL C 535 -9.00 -47.37 18.36
C VAL C 535 -9.16 -47.17 19.86
N ILE C 536 -8.36 -46.26 20.43
CA ILE C 536 -8.47 -45.98 21.86
C ILE C 536 -9.88 -45.50 22.17
N ARG C 537 -10.58 -46.25 23.01
CA ARG C 537 -11.95 -45.92 23.38
C ARG C 537 -12.00 -44.91 24.52
N SER C 538 -11.17 -45.08 25.55
CA SER C 538 -11.19 -44.15 26.67
C SER C 538 -9.83 -44.16 27.37
N ILE C 539 -9.54 -43.07 28.06
CA ILE C 539 -8.33 -42.92 28.85
C ILE C 539 -8.72 -42.46 30.25
N LYS C 540 -8.03 -42.97 31.27
CA LYS C 540 -8.30 -42.57 32.64
C LYS C 540 -7.04 -42.69 33.46
N SER C 541 -6.61 -41.59 34.09
CA SER C 541 -5.50 -41.68 35.04
C SER C 541 -5.95 -42.26 36.37
N ARG C 542 -7.20 -42.00 36.75
CA ARG C 542 -7.79 -42.53 37.97
C ARG C 542 -9.22 -42.93 37.64
N ASP C 543 -10.05 -43.11 38.67
CA ASP C 543 -11.48 -43.33 38.43
C ASP C 543 -12.11 -42.17 37.67
N GLU C 544 -11.53 -40.98 37.78
CA GLU C 544 -12.00 -39.82 37.05
C GLU C 544 -11.77 -39.99 35.55
N PHE C 545 -12.60 -39.29 34.77
CA PHE C 545 -12.50 -39.33 33.32
C PHE C 545 -11.54 -38.26 32.83
N LEU C 546 -10.62 -38.65 31.94
CA LEU C 546 -9.61 -37.74 31.42
C LEU C 546 -9.93 -37.34 29.98
N GLN C 547 -9.11 -36.43 29.46
CA GLN C 547 -9.23 -35.96 28.09
C GLN C 547 -7.97 -36.18 27.27
N GLU C 548 -6.80 -35.96 27.85
CA GLU C 548 -5.54 -36.17 27.14
C GLU C 548 -4.42 -36.31 28.15
N ALA C 549 -3.30 -36.85 27.70
CA ALA C 549 -2.13 -37.08 28.54
C ALA C 549 -0.90 -36.50 27.86
N LYS C 550 -0.12 -35.72 28.61
CA LYS C 550 1.10 -35.12 28.11
C LYS C 550 2.31 -35.91 28.59
N LYS C 551 3.50 -35.38 28.30
CA LYS C 551 4.74 -36.07 28.61
C LYS C 551 4.89 -36.29 30.11
N GLY C 552 5.41 -37.46 30.47
CA GLY C 552 5.62 -37.81 31.88
C GLY C 552 4.35 -38.00 32.66
N GLN C 553 3.34 -38.63 32.07
CA GLN C 553 2.07 -38.90 32.74
C GLN C 553 1.67 -40.34 32.49
N ALA C 554 1.23 -41.03 33.55
CA ALA C 554 0.76 -42.41 33.43
C ALA C 554 -0.76 -42.43 33.37
N VAL C 555 -1.31 -43.31 32.53
CA VAL C 555 -2.75 -43.35 32.32
C VAL C 555 -3.13 -44.76 31.89
N ALA C 556 -4.25 -45.25 32.41
CA ALA C 556 -4.81 -46.53 32.00
C ALA C 556 -5.69 -46.31 30.78
N ILE C 557 -5.38 -47.03 29.71
CA ILE C 557 -6.11 -46.96 28.44
C ILE C 557 -7.07 -48.12 28.37
N ALA C 558 -8.33 -47.84 28.01
CA ALA C 558 -9.31 -48.86 27.68
C ALA C 558 -9.53 -48.78 26.17
N ILE C 559 -9.03 -49.79 25.47
CA ILE C 559 -9.02 -49.80 24.02
C ILE C 559 -9.88 -50.94 23.53
N GLU C 560 -10.33 -50.84 22.28
CA GLU C 560 -11.15 -51.85 21.63
C GLU C 560 -10.34 -52.54 20.54
N GLY C 561 -10.63 -53.82 20.34
CA GLY C 561 -9.99 -54.60 19.29
C GLY C 561 -8.61 -55.12 19.63
N ALA C 562 -8.12 -54.88 20.83
CA ALA C 562 -6.80 -55.34 21.26
C ALA C 562 -6.94 -56.39 22.35
N ILE C 563 -6.16 -57.45 22.23
CA ILE C 563 -6.17 -58.55 23.20
C ILE C 563 -4.72 -58.83 23.59
N VAL C 564 -4.48 -59.01 24.89
CA VAL C 564 -3.14 -59.34 25.36
C VAL C 564 -2.72 -60.68 24.79
N GLY C 565 -1.43 -60.81 24.48
CA GLY C 565 -0.95 -62.03 23.87
C GLY C 565 -0.90 -61.96 22.35
N ARG C 566 -1.96 -62.47 21.70
CA ARG C 566 -1.96 -62.56 20.24
C ARG C 566 -1.88 -61.18 19.59
N HIS C 567 -2.60 -60.20 20.12
CA HIS C 567 -2.62 -58.88 19.51
C HIS C 567 -1.60 -57.93 20.12
N ILE C 568 -1.42 -57.96 21.44
CA ILE C 568 -0.47 -57.10 22.13
C ILE C 568 0.24 -57.90 23.21
N HIS C 569 1.52 -57.60 23.42
CA HIS C 569 2.32 -58.23 24.45
C HIS C 569 2.79 -57.19 25.47
N PRO C 570 2.89 -57.56 26.74
CA PRO C 570 3.45 -56.63 27.73
C PRO C 570 4.90 -56.28 27.40
N GLY C 571 5.27 -55.04 27.68
CA GLY C 571 6.61 -54.58 27.39
C GLY C 571 6.89 -54.30 25.93
N GLU C 572 5.85 -54.23 25.10
CA GLU C 572 6.01 -53.96 23.67
C GLU C 572 5.68 -52.50 23.40
N THR C 573 6.40 -51.91 22.45
CA THR C 573 6.30 -50.49 22.16
C THR C 573 5.24 -50.25 21.08
N LEU C 574 4.33 -49.32 21.35
CA LEU C 574 3.22 -49.00 20.47
C LEU C 574 3.40 -47.62 19.85
N TYR C 575 3.00 -47.52 18.58
CA TYR C 575 3.16 -46.32 17.77
C TYR C 575 1.79 -45.82 17.33
N VAL C 576 1.63 -44.51 17.26
CA VAL C 576 0.40 -43.91 16.75
C VAL C 576 0.47 -43.83 15.24
N ASP C 577 -0.54 -44.36 14.57
CA ASP C 577 -0.60 -44.29 13.11
C ASP C 577 -0.71 -42.84 12.67
N LEU C 578 0.06 -42.48 11.65
CA LEU C 578 0.17 -41.10 11.20
C LEU C 578 -0.31 -40.98 9.76
N SER C 579 -0.90 -39.83 9.45
CA SER C 579 -1.30 -39.50 8.08
C SER C 579 -0.23 -38.64 7.44
N ARG C 580 0.15 -38.97 6.21
CA ARG C 580 1.21 -38.24 5.52
C ARG C 580 0.81 -36.79 5.27
N ASP C 581 -0.46 -36.53 4.99
CA ASP C 581 -0.92 -35.14 4.87
C ASP C 581 -0.77 -34.41 6.19
N ASP C 582 -1.10 -35.08 7.30
CA ASP C 582 -0.92 -34.48 8.62
C ASP C 582 0.55 -34.19 8.90
N ALA C 583 1.44 -35.12 8.50
CA ALA C 583 2.87 -34.90 8.70
C ALA C 583 3.35 -33.70 7.88
N ILE C 584 2.88 -33.57 6.64
CA ILE C 584 3.26 -32.43 5.82
C ILE C 584 2.76 -31.13 6.45
N THR C 585 1.52 -31.14 6.94
CA THR C 585 0.97 -29.95 7.59
C THR C 585 1.79 -29.58 8.83
N LEU C 586 2.17 -30.58 9.63
CA LEU C 586 2.96 -30.30 10.82
C LEU C 586 4.33 -29.75 10.47
N LEU C 587 4.98 -30.31 9.45
CA LEU C 587 6.32 -29.87 9.08
C LEU C 587 6.35 -28.55 8.34
N LYS C 588 5.24 -28.15 7.71
CA LYS C 588 5.22 -26.92 6.92
C LYS C 588 4.28 -25.88 7.50
N HIS C 589 3.02 -26.21 7.74
CA HIS C 589 2.06 -25.21 8.19
C HIS C 589 2.24 -24.91 9.68
N LEU C 590 2.05 -25.93 10.53
CA LEU C 590 2.13 -25.74 11.98
C LEU C 590 3.54 -26.11 12.47
N ARG C 591 4.51 -25.30 12.05
CA ARG C 591 5.88 -25.46 12.49
C ARG C 591 6.21 -24.63 13.73
N ASP C 592 5.32 -23.70 14.12
CA ASP C 592 5.54 -22.93 15.33
C ASP C 592 5.26 -23.78 16.57
N THR C 593 4.18 -24.56 16.54
CA THR C 593 3.78 -25.39 17.68
C THR C 593 4.36 -26.80 17.54
N LEU C 594 5.68 -26.87 17.59
CA LEU C 594 6.42 -28.12 17.57
C LEU C 594 7.61 -28.01 18.51
N GLU C 595 7.77 -29.00 19.40
CA GLU C 595 8.83 -28.95 20.40
C GLU C 595 9.70 -30.20 20.33
N ASP C 596 10.59 -30.36 21.31
CA ASP C 596 11.60 -31.40 21.25
C ASP C 596 10.97 -32.79 21.22
N THR C 597 10.07 -33.08 22.15
CA THR C 597 9.48 -34.42 22.21
C THR C 597 8.66 -34.70 20.96
N ASP C 598 7.93 -33.71 20.46
CA ASP C 598 7.09 -33.91 19.28
C ASP C 598 7.94 -34.20 18.05
N ILE C 599 9.02 -33.43 17.85
CA ILE C 599 9.85 -33.64 16.67
C ILE C 599 10.60 -34.96 16.77
N LYS C 600 11.07 -35.31 17.98
CA LYS C 600 11.73 -36.61 18.14
C LYS C 600 10.78 -37.75 17.83
N ALA C 601 9.55 -37.68 18.35
CA ALA C 601 8.57 -38.72 18.10
C ALA C 601 8.26 -38.83 16.62
N LEU C 602 8.02 -37.69 15.95
CA LEU C 602 7.68 -37.72 14.54
C LEU C 602 8.84 -38.24 13.69
N LYS C 603 10.07 -37.84 14.02
CA LYS C 603 11.22 -38.31 13.27
C LYS C 603 11.39 -39.82 13.40
N MET C 604 11.32 -40.34 14.63
CA MET C 604 11.51 -41.78 14.79
C MET C 604 10.33 -42.56 14.21
N ILE C 605 9.12 -41.99 14.25
CA ILE C 605 7.97 -42.63 13.62
C ILE C 605 8.18 -42.70 12.12
N ALA C 606 8.70 -41.64 11.51
CA ALA C 606 8.99 -41.67 10.08
C ALA C 606 10.05 -42.72 9.77
N LYS C 607 11.10 -42.80 10.60
CA LYS C 607 12.14 -43.80 10.40
C LYS C 607 11.56 -45.22 10.46
N VAL C 608 10.67 -45.45 11.43
CA VAL C 608 10.06 -46.77 11.56
C VAL C 608 9.16 -47.07 10.37
N LYS C 609 8.32 -46.11 9.99
CA LYS C 609 7.38 -46.30 8.90
C LYS C 609 8.05 -46.32 7.53
N ALA C 610 9.33 -45.99 7.46
CA ALA C 610 10.07 -46.06 6.20
C ALA C 610 10.34 -47.50 5.81
N LYS C 611 9.29 -48.25 5.50
CA LYS C 611 9.39 -49.65 5.10
C LYS C 611 8.75 -49.94 3.76
N GLU C 612 7.61 -49.33 3.45
CA GLU C 612 6.88 -49.58 2.22
C GLU C 612 6.83 -48.38 1.29
N ASP C 613 6.43 -47.22 1.80
CA ASP C 613 6.36 -46.00 1.00
C ASP C 613 7.69 -45.27 1.09
N PRO C 614 8.37 -45.00 -0.03
CA PRO C 614 9.60 -44.20 0.03
C PRO C 614 9.39 -42.78 0.54
N PHE C 615 8.14 -42.33 0.70
CA PHE C 615 7.90 -40.98 1.20
C PHE C 615 8.43 -40.82 2.62
N TRP C 616 8.17 -41.80 3.50
CA TRP C 616 8.76 -41.78 4.83
C TRP C 616 10.26 -42.05 4.80
N ARG C 617 10.75 -42.76 3.79
CA ARG C 617 12.19 -42.95 3.67
C ARG C 617 12.90 -41.62 3.40
N ALA C 618 12.31 -40.79 2.54
CA ALA C 618 12.83 -39.45 2.30
C ALA C 618 12.35 -38.44 3.34
N ILE C 619 11.38 -38.82 4.18
CA ILE C 619 10.83 -37.96 5.22
C ILE C 619 10.31 -36.64 4.62
N MET D . -4.08 -47.96 39.14
CA MET D . -4.70 -47.91 37.81
C MET D . -6.12 -48.46 37.90
O MET D . -6.39 -49.34 38.69
CB MET D . -3.83 -48.59 36.80
CG MET D . -2.58 -47.91 36.41
SD MET D . -2.69 -46.16 35.98
CE MET D . -1.26 -45.68 35.06
PG GNP E . -1.03 19.60 7.85
O1G GNP E . -2.26 19.99 7.13
O2G GNP E . -0.21 18.68 6.87
O3G GNP E . -1.16 18.65 9.11
N3B GNP E . -0.13 20.72 8.60
PB GNP E . -0.56 22.29 8.89
O1B GNP E . 0.34 23.46 8.89
O2B GNP E . -1.84 22.47 7.98
O3A GNP E . -1.04 22.30 10.40
PA GNP E . -2.51 22.25 10.94
O1A GNP E . -3.38 23.45 10.88
O2A GNP E . -2.86 20.96 10.20
O5' GNP E . -2.41 21.65 12.44
C5' GNP E . -1.70 22.35 13.47
C4' GNP E . -2.32 22.02 14.81
O4' GNP E . -1.69 22.80 15.84
C3' GNP E . -3.81 22.33 14.93
O3' GNP E . -4.44 21.50 15.89
C2' GNP E . -3.79 23.80 15.35
O2' GNP E . -4.95 24.14 16.10
C1' GNP E . -2.54 23.86 16.24
N9 GNP E . -1.80 25.12 16.12
C8 GNP E . -1.49 25.80 14.97
N7 GNP E . -0.81 26.89 15.16
C5 GNP E . -0.65 26.95 16.54
C6 GNP E . 0.01 27.91 17.36
O6 GNP E . 0.59 28.93 17.00
N1 GNP E . -0.07 27.58 18.70
C2 GNP E . -0.69 26.48 19.21
N2 GNP E . -0.66 26.31 20.53
N3 GNP E . -1.31 25.57 18.45
C4 GNP E . -1.26 25.87 17.14
MG MG F . -2.71 21.33 5.58
#